data_6ELA
#
_entry.id   6ELA
#
_cell.length_a   64.190
_cell.length_b   63.320
_cell.length_c   78.320
_cell.angle_alpha   90.00
_cell.angle_beta   103.73
_cell.angle_gamma   90.00
#
_symmetry.space_group_name_H-M   'P 1 21 1'
#
loop_
_entity.id
_entity.type
_entity.pdbx_description
1 polymer 'Macrophage metalloelastase'
2 non-polymer 'ZINC ION'
3 non-polymer 'CALCIUM ION'
4 non-polymer '(2~{S})-2-[2-[4-(4-methoxyphenyl)phenyl]sulfanylphenyl]pentanedioic acid'
5 non-polymer '1,4-DIETHYLENE DIOXIDE'
6 non-polymer 1,2-ETHANEDIOL
7 water water
#
_entity_poly.entity_id   1
_entity_poly.type   'polypeptide(L)'
_entity_poly.pdbx_seq_one_letter_code
;MGPVWRKHYITYRINNYTPDMNREDVDYAIRKAFQVWSNVTPLKFSKINTGMADILVVFARGAHGDDHAFDGKGGILAHA
FGPGSGIGGDAHFDEDEFWTTHSGGTNLFLTAVHEIGHSLGLGHSSDPKAVMFPTYAYVDINTFRLSADDIRGIQSLYG
;
_entity_poly.pdbx_strand_id   A,B,C,D
#
loop_
_chem_comp.id
_chem_comp.type
_chem_comp.name
_chem_comp.formula
B9Z non-polymer '(2~{S})-2-[2-[4-(4-methoxyphenyl)phenyl]sulfanylphenyl]pentanedioic acid' 'C24 H22 O5 S'
CA non-polymer 'CALCIUM ION' 'Ca 2'
DIO non-polymer '1,4-DIETHYLENE DIOXIDE' 'C4 H8 O2'
EDO non-polymer 1,2-ETHANEDIOL 'C2 H6 O2'
ZN non-polymer 'ZINC ION' 'Zn 2'
#
# COMPACT_ATOMS: atom_id res chain seq x y z
N PRO A 3 5.90 -30.19 23.26
CA PRO A 3 5.08 -30.52 24.43
C PRO A 3 3.61 -30.18 24.27
N VAL A 4 2.80 -30.74 25.16
CA VAL A 4 1.37 -30.47 25.26
C VAL A 4 1.08 -30.23 26.74
N TRP A 5 -0.06 -29.61 27.01
CA TRP A 5 -0.53 -29.54 28.38
C TRP A 5 -0.90 -30.95 28.84
N ARG A 6 -0.42 -31.33 30.02
CA ARG A 6 -0.58 -32.69 30.53
C ARG A 6 -1.71 -32.79 31.54
N LYS A 7 -2.70 -31.92 31.39
CA LYS A 7 -3.91 -31.88 32.19
C LYS A 7 -4.96 -31.19 31.32
N HIS A 8 -6.23 -31.36 31.69
CA HIS A 8 -7.29 -30.83 30.84
C HIS A 8 -8.06 -29.66 31.45
N TYR A 9 -7.78 -29.32 32.71
CA TYR A 9 -8.31 -28.10 33.33
C TYR A 9 -7.21 -27.06 33.29
N ILE A 10 -7.38 -26.04 32.44
CA ILE A 10 -6.35 -25.04 32.17
C ILE A 10 -6.89 -23.67 32.57
N THR A 11 -6.10 -22.92 33.33
CA THR A 11 -6.55 -21.60 33.77
C THR A 11 -5.89 -20.51 32.93
N TYR A 12 -6.60 -19.39 32.79
CA TYR A 12 -6.03 -18.20 32.19
C TYR A 12 -6.33 -16.99 33.06
N ARG A 13 -5.51 -15.96 32.90
CA ARG A 13 -5.70 -14.72 33.62
C ARG A 13 -5.36 -13.56 32.70
N ILE A 14 -6.21 -12.54 32.70
CA ILE A 14 -5.96 -11.33 31.94
C ILE A 14 -5.07 -10.42 32.79
N ASN A 15 -3.80 -10.30 32.38
CA ASN A 15 -2.85 -9.51 33.16
C ASN A 15 -3.21 -8.04 33.17
N ASN A 16 -3.67 -7.52 32.04
CA ASN A 16 -3.94 -6.10 31.89
C ASN A 16 -4.83 -5.94 30.67
N TYR A 17 -5.54 -4.82 30.61
CA TYR A 17 -6.53 -4.57 29.57
C TYR A 17 -6.05 -3.53 28.56
N THR A 18 -6.25 -3.81 27.28
CA THR A 18 -6.02 -2.79 26.27
C THR A 18 -7.05 -1.68 26.42
N PRO A 19 -6.63 -0.41 26.32
CA PRO A 19 -7.59 0.69 26.34
C PRO A 19 -8.36 0.83 25.04
N ASP A 20 -8.06 -0.01 24.04
CA ASP A 20 -8.72 0.09 22.74
C ASP A 20 -10.19 -0.28 22.82
N MET A 21 -10.56 -1.10 23.80
CA MET A 21 -11.85 -1.77 23.84
C MET A 21 -12.42 -1.65 25.24
N ASN A 22 -13.75 -1.70 25.33
CA ASN A 22 -14.38 -1.85 26.63
C ASN A 22 -13.93 -3.16 27.28
N ARG A 23 -13.78 -3.13 28.61
CA ARG A 23 -13.33 -4.33 29.31
C ARG A 23 -14.24 -5.53 29.06
N GLU A 24 -15.56 -5.32 29.06
N GLU A 24 -15.56 -5.32 29.05
CA GLU A 24 -16.50 -6.40 28.81
CA GLU A 24 -16.48 -6.43 28.83
C GLU A 24 -16.20 -7.09 27.48
C GLU A 24 -16.27 -7.08 27.46
N ASP A 25 -15.81 -6.30 26.48
CA ASP A 25 -15.56 -6.84 25.15
C ASP A 25 -14.22 -7.57 25.08
N VAL A 26 -13.21 -7.11 25.82
CA VAL A 26 -11.98 -7.88 25.94
C VAL A 26 -12.27 -9.23 26.58
N ASP A 27 -12.94 -9.21 27.73
CA ASP A 27 -13.31 -10.43 28.43
C ASP A 27 -14.07 -11.38 27.51
N TYR A 28 -15.03 -10.85 26.76
CA TYR A 28 -15.86 -11.73 25.92
C TYR A 28 -15.05 -12.31 24.77
N ALA A 29 -14.20 -11.49 24.13
CA ALA A 29 -13.42 -12.00 23.02
C ALA A 29 -12.51 -13.13 23.47
N ILE A 30 -11.87 -12.95 24.63
CA ILE A 30 -10.93 -13.96 25.13
C ILE A 30 -11.69 -15.22 25.52
N ARG A 31 -12.81 -15.07 26.21
CA ARG A 31 -13.57 -16.24 26.65
C ARG A 31 -14.07 -17.03 25.45
N LYS A 32 -14.64 -16.34 24.45
CA LYS A 32 -15.11 -17.01 23.25
C LYS A 32 -13.95 -17.67 22.49
N ALA A 33 -12.77 -17.05 22.49
CA ALA A 33 -11.64 -17.67 21.81
C ALA A 33 -11.24 -18.99 22.44
N PHE A 34 -11.24 -19.07 23.78
CA PHE A 34 -10.98 -20.34 24.43
C PHE A 34 -12.07 -21.36 24.11
N GLN A 35 -13.33 -20.90 24.06
N GLN A 35 -13.32 -20.89 24.04
CA GLN A 35 -14.43 -21.80 23.73
CA GLN A 35 -14.44 -21.78 23.74
C GLN A 35 -14.26 -22.45 22.37
C GLN A 35 -14.30 -22.43 22.37
N VAL A 36 -13.65 -21.75 21.41
CA VAL A 36 -13.42 -22.34 20.10
C VAL A 36 -12.66 -23.64 20.24
N TRP A 37 -11.63 -23.66 21.08
CA TRP A 37 -10.80 -24.84 21.24
C TRP A 37 -11.42 -25.87 22.19
N SER A 38 -12.09 -25.43 23.26
CA SER A 38 -12.78 -26.40 24.12
C SER A 38 -13.95 -27.05 23.43
N ASN A 39 -14.50 -26.42 22.38
CA ASN A 39 -15.62 -27.05 21.67
C ASN A 39 -15.19 -28.26 20.86
N VAL A 40 -13.89 -28.45 20.61
CA VAL A 40 -13.43 -29.55 19.77
C VAL A 40 -12.39 -30.42 20.47
N THR A 41 -12.22 -30.22 21.78
CA THR A 41 -11.28 -31.01 22.58
C THR A 41 -11.92 -31.29 23.94
N PRO A 42 -11.32 -32.16 24.75
CA PRO A 42 -11.75 -32.29 26.16
C PRO A 42 -11.17 -31.23 27.08
N LEU A 43 -10.51 -30.20 26.57
CA LEU A 43 -9.94 -29.18 27.43
C LEU A 43 -11.04 -28.29 28.01
N LYS A 44 -10.82 -27.82 29.23
N LYS A 44 -10.84 -27.88 29.25
CA LYS A 44 -11.75 -26.91 29.89
CA LYS A 44 -11.71 -26.91 29.91
C LYS A 44 -10.95 -25.75 30.47
C LYS A 44 -10.83 -25.74 30.32
N PHE A 45 -11.32 -24.53 30.07
CA PHE A 45 -10.58 -23.32 30.43
C PHE A 45 -11.37 -22.51 31.45
N SER A 46 -10.67 -22.01 32.46
CA SER A 46 -11.30 -21.21 33.52
C SER A 46 -10.50 -19.94 33.72
N LYS A 47 -11.20 -18.83 33.82
CA LYS A 47 -10.59 -17.55 34.11
C LYS A 47 -10.38 -17.43 35.61
N ILE A 48 -9.18 -17.06 36.01
CA ILE A 48 -8.92 -16.79 37.42
C ILE A 48 -8.49 -15.34 37.57
N ASN A 49 -8.69 -14.81 38.79
CA ASN A 49 -8.49 -13.40 39.06
C ASN A 49 -7.42 -13.15 40.11
N THR A 50 -6.75 -14.19 40.57
CA THR A 50 -5.65 -14.06 41.50
C THR A 50 -4.82 -15.33 41.38
N GLY A 51 -3.56 -15.23 41.78
CA GLY A 51 -2.65 -16.35 41.66
C GLY A 51 -2.11 -16.53 40.26
N MET A 52 -1.37 -17.60 40.09
N MET A 52 -1.32 -17.57 40.08
CA MET A 52 -0.68 -17.91 38.84
CA MET A 52 -0.67 -17.83 38.81
C MET A 52 -1.58 -18.76 37.95
C MET A 52 -1.54 -18.74 37.95
N ALA A 53 -1.88 -18.26 36.76
CA ALA A 53 -2.65 -19.03 35.79
C ALA A 53 -1.68 -19.77 34.88
N ASP A 54 -2.21 -20.75 34.14
CA ASP A 54 -1.40 -21.42 33.12
C ASP A 54 -1.13 -20.49 31.95
N ILE A 55 -2.16 -19.84 31.43
CA ILE A 55 -2.05 -18.96 30.27
C ILE A 55 -2.28 -17.54 30.74
N LEU A 56 -1.21 -16.75 30.78
CA LEU A 56 -1.32 -15.34 31.10
C LEU A 56 -1.51 -14.54 29.81
N VAL A 57 -2.56 -13.72 29.78
CA VAL A 57 -2.88 -12.89 28.62
C VAL A 57 -2.35 -11.49 28.91
N VAL A 58 -1.49 -10.98 28.02
CA VAL A 58 -0.80 -9.70 28.22
C VAL A 58 -1.01 -8.82 27.00
N PHE A 59 -1.27 -7.53 27.23
CA PHE A 59 -1.19 -6.52 26.18
C PHE A 59 0.04 -5.68 26.47
N ALA A 60 0.94 -5.58 25.49
CA ALA A 60 2.17 -4.83 25.65
C ALA A 60 2.64 -4.33 24.30
N ARG A 61 3.36 -3.21 24.31
CA ARG A 61 3.97 -2.70 23.08
C ARG A 61 5.48 -2.80 23.17
N GLY A 62 6.11 -2.84 21.99
CA GLY A 62 7.56 -2.84 21.90
C GLY A 62 8.20 -3.94 22.73
N ALA A 63 9.29 -3.58 23.42
CA ALA A 63 9.98 -4.54 24.27
C ALA A 63 9.22 -4.68 25.58
N HIS A 64 8.95 -5.92 25.97
CA HIS A 64 8.12 -6.15 27.15
C HIS A 64 8.65 -7.31 28.00
N GLY A 65 9.96 -7.50 27.99
CA GLY A 65 10.64 -8.31 28.99
C GLY A 65 10.77 -9.80 28.69
N ASP A 66 10.54 -10.23 27.45
CA ASP A 66 10.64 -11.65 27.11
C ASP A 66 11.58 -11.95 25.95
N ASP A 67 12.39 -10.97 25.53
CA ASP A 67 13.37 -11.09 24.45
C ASP A 67 12.75 -11.20 23.06
N HIS A 68 11.46 -10.90 22.92
CA HIS A 68 10.76 -10.91 21.62
C HIS A 68 9.95 -9.64 21.52
N ALA A 69 10.65 -8.53 21.25
CA ALA A 69 9.98 -7.23 21.23
C ALA A 69 9.03 -7.13 20.04
N PHE A 70 7.89 -6.49 20.26
CA PHE A 70 6.97 -6.18 19.17
C PHE A 70 7.52 -5.02 18.34
N ASP A 71 6.77 -4.66 17.30
CA ASP A 71 7.30 -3.88 16.18
C ASP A 71 6.42 -2.67 15.80
N GLY A 72 5.58 -2.18 16.69
CA GLY A 72 4.69 -1.09 16.30
C GLY A 72 3.49 -1.62 15.54
N LYS A 73 2.68 -0.69 15.03
CA LYS A 73 1.44 -1.11 14.37
C LYS A 73 1.74 -1.93 13.12
N GLY A 74 0.94 -2.98 12.90
CA GLY A 74 1.14 -3.87 11.78
C GLY A 74 2.18 -4.93 12.08
N GLY A 75 2.53 -5.70 11.05
CA GLY A 75 3.56 -6.71 11.20
C GLY A 75 3.15 -7.78 12.19
N ILE A 76 4.00 -8.02 13.19
CA ILE A 76 3.68 -9.00 14.24
C ILE A 76 2.56 -8.43 15.09
N LEU A 77 1.44 -9.16 15.17
CA LEU A 77 0.28 -8.63 15.89
C LEU A 77 0.23 -9.10 17.34
N ALA A 78 0.87 -10.22 17.63
CA ALA A 78 0.75 -10.93 18.89
C ALA A 78 1.74 -12.07 18.79
N HIS A 79 1.95 -12.76 19.92
CA HIS A 79 2.68 -14.02 19.88
C HIS A 79 2.34 -14.81 21.14
N ALA A 80 2.66 -16.10 21.12
CA ALA A 80 2.34 -16.94 22.26
C ALA A 80 3.38 -18.04 22.39
N PHE A 81 3.60 -18.48 23.62
CA PHE A 81 4.56 -19.53 23.93
C PHE A 81 3.83 -20.86 24.07
N GLY A 82 4.51 -21.94 23.64
CA GLY A 82 3.92 -23.26 23.71
C GLY A 82 3.80 -23.77 25.14
N PRO A 83 3.13 -24.90 25.30
CA PRO A 83 2.85 -25.40 26.65
C PRO A 83 4.11 -25.57 27.50
N GLY A 84 4.00 -25.16 28.76
CA GLY A 84 5.14 -25.25 29.66
C GLY A 84 4.90 -24.39 30.88
N SER A 85 5.79 -24.53 31.85
CA SER A 85 5.70 -23.74 33.05
C SER A 85 6.16 -22.32 32.78
N GLY A 86 5.91 -21.45 33.75
CA GLY A 86 6.37 -20.07 33.63
C GLY A 86 5.73 -19.38 32.45
N ILE A 87 6.56 -18.77 31.61
CA ILE A 87 6.07 -18.07 30.43
C ILE A 87 5.40 -19.01 29.43
N GLY A 88 5.61 -20.33 29.58
CA GLY A 88 4.93 -21.30 28.73
C GLY A 88 3.43 -21.05 28.67
N GLY A 89 2.84 -21.16 27.49
CA GLY A 89 1.42 -20.93 27.31
C GLY A 89 0.99 -19.48 27.21
N ASP A 90 1.82 -18.53 27.64
CA ASP A 90 1.36 -17.16 27.75
C ASP A 90 1.16 -16.53 26.36
N ALA A 91 0.16 -15.66 26.27
CA ALA A 91 -0.22 -15.04 25.00
C ALA A 91 -0.14 -13.52 25.15
N HIS A 92 0.66 -12.90 24.27
CA HIS A 92 0.94 -11.47 24.31
C HIS A 92 0.39 -10.81 23.05
N PHE A 93 -0.33 -9.72 23.23
CA PHE A 93 -0.95 -9.00 22.13
C PHE A 93 -0.29 -7.63 22.02
N ASP A 94 0.10 -7.26 20.82
CA ASP A 94 0.83 -6.01 20.60
C ASP A 94 -0.11 -4.82 20.78
N GLU A 95 0.14 -4.01 21.81
CA GLU A 95 -0.73 -2.88 22.08
C GLU A 95 -0.65 -1.81 21.01
N ASP A 96 0.37 -1.84 20.16
CA ASP A 96 0.41 -0.90 19.06
C ASP A 96 -0.59 -1.25 17.96
N GLU A 97 -1.21 -2.43 18.03
CA GLU A 97 -2.37 -2.65 17.16
C GLU A 97 -3.59 -1.99 17.78
N PHE A 98 -4.61 -1.77 16.95
CA PHE A 98 -5.90 -1.29 17.42
C PHE A 98 -6.86 -2.48 17.49
N TRP A 99 -7.09 -2.98 18.71
CA TRP A 99 -7.89 -4.18 18.92
C TRP A 99 -9.37 -3.82 18.87
N THR A 100 -10.14 -4.60 18.12
CA THR A 100 -11.54 -4.27 17.89
C THR A 100 -12.42 -5.50 18.05
N THR A 101 -13.72 -5.24 18.18
CA THR A 101 -14.73 -6.30 18.23
C THR A 101 -15.37 -6.59 16.87
N HIS A 102 -15.57 -5.58 16.04
CA HIS A 102 -16.40 -5.74 14.85
C HIS A 102 -15.69 -5.35 13.56
N SER A 103 -15.27 -4.10 13.43
CA SER A 103 -14.63 -3.67 12.21
C SER A 103 -13.44 -2.79 12.56
N GLY A 104 -12.57 -2.61 11.58
CA GLY A 104 -11.39 -1.79 11.77
C GLY A 104 -10.33 -2.50 12.57
N GLY A 105 -9.12 -1.95 12.55
CA GLY A 105 -8.03 -2.47 13.36
C GLY A 105 -7.79 -3.94 13.15
N THR A 106 -7.53 -4.63 14.26
CA THR A 106 -7.26 -6.07 14.26
C THR A 106 -8.22 -6.70 15.24
N ASN A 107 -8.97 -7.71 14.77
CA ASN A 107 -10.01 -8.30 15.60
C ASN A 107 -9.38 -9.12 16.72
N LEU A 108 -9.74 -8.80 17.98
CA LEU A 108 -9.12 -9.47 19.13
C LEU A 108 -9.54 -10.94 19.20
N PHE A 109 -10.82 -11.23 18.97
CA PHE A 109 -11.30 -12.61 19.05
C PHE A 109 -10.54 -13.52 18.08
N LEU A 110 -10.46 -13.12 16.80
CA LEU A 110 -9.79 -13.96 15.81
C LEU A 110 -8.31 -14.13 16.12
N THR A 111 -7.66 -13.05 16.56
CA THR A 111 -6.25 -13.13 16.89
C THR A 111 -6.03 -14.02 18.11
N ALA A 112 -6.93 -13.93 19.11
CA ALA A 112 -6.81 -14.77 20.29
C ALA A 112 -7.00 -16.24 19.96
N VAL A 113 -7.91 -16.57 19.03
CA VAL A 113 -8.05 -17.97 18.63
C VAL A 113 -6.73 -18.48 18.09
N HIS A 114 -6.12 -17.72 17.18
CA HIS A 114 -4.82 -18.10 16.61
C HIS A 114 -3.78 -18.26 17.72
N GLU A 115 -3.67 -17.27 18.61
CA GLU A 115 -2.60 -17.30 19.60
C GLU A 115 -2.81 -18.41 20.62
N ILE A 116 -4.06 -18.64 21.06
CA ILE A 116 -4.32 -19.75 21.96
C ILE A 116 -3.98 -21.07 21.30
N GLY A 117 -4.20 -21.18 19.99
CA GLY A 117 -3.71 -22.34 19.27
C GLY A 117 -2.23 -22.60 19.51
N HIS A 118 -1.41 -21.54 19.41
CA HIS A 118 0.01 -21.70 19.74
C HIS A 118 0.20 -22.05 21.21
N SER A 119 -0.56 -21.41 22.11
CA SER A 119 -0.47 -21.69 23.54
C SER A 119 -0.72 -23.15 23.83
N LEU A 120 -1.50 -23.82 23.00
CA LEU A 120 -1.85 -25.21 23.19
C LEU A 120 -0.89 -26.16 22.48
N GLY A 121 0.02 -25.64 21.65
CA GLY A 121 1.01 -26.44 20.97
C GLY A 121 0.90 -26.51 19.46
N LEU A 122 -0.03 -25.82 18.84
CA LEU A 122 -0.14 -25.89 17.39
C LEU A 122 0.85 -24.96 16.69
N GLY A 123 1.28 -25.38 15.51
CA GLY A 123 1.99 -24.53 14.60
C GLY A 123 1.07 -23.99 13.53
N HIS A 124 1.66 -23.64 12.39
CA HIS A 124 0.91 -22.99 11.33
C HIS A 124 0.39 -23.97 10.29
N SER A 125 -0.65 -23.54 9.58
CA SER A 125 -1.32 -24.31 8.55
C SER A 125 -1.04 -23.70 7.19
N SER A 126 -1.03 -24.54 6.16
CA SER A 126 -0.94 -24.07 4.78
C SER A 126 -2.32 -23.76 4.17
N ASP A 127 -3.40 -23.99 4.90
CA ASP A 127 -4.74 -23.73 4.40
C ASP A 127 -5.10 -22.29 4.70
N PRO A 128 -5.33 -21.44 3.69
CA PRO A 128 -5.72 -20.05 3.97
C PRO A 128 -7.00 -19.91 4.76
N LYS A 129 -7.86 -20.93 4.76
N LYS A 129 -7.86 -20.92 4.78
CA LYS A 129 -9.08 -20.93 5.57
CA LYS A 129 -9.08 -20.89 5.58
C LYS A 129 -8.84 -21.28 7.02
C LYS A 129 -8.87 -21.41 7.00
N ALA A 130 -7.66 -21.81 7.36
CA ALA A 130 -7.38 -22.24 8.73
C ALA A 130 -7.12 -21.03 9.62
N VAL A 131 -7.57 -21.14 10.88
CA VAL A 131 -7.28 -20.08 11.83
C VAL A 131 -5.81 -20.04 12.17
N MET A 132 -5.10 -21.17 11.99
CA MET A 132 -3.66 -21.23 12.20
C MET A 132 -2.85 -20.90 10.93
N PHE A 133 -3.51 -20.40 9.89
CA PHE A 133 -2.77 -19.83 8.78
C PHE A 133 -1.90 -18.70 9.30
N PRO A 134 -0.69 -18.50 8.74
CA PRO A 134 0.24 -17.54 9.34
C PRO A 134 -0.16 -16.08 9.21
N THR A 135 -1.06 -15.75 8.30
CA THR A 135 -1.38 -14.36 7.99
C THR A 135 -2.78 -14.03 8.47
N TYR A 136 -2.88 -12.98 9.26
CA TYR A 136 -4.18 -12.51 9.71
C TYR A 136 -4.97 -11.92 8.55
N ALA A 137 -6.26 -12.23 8.52
CA ALA A 137 -7.22 -11.51 7.69
C ALA A 137 -8.54 -11.56 8.46
N TYR A 138 -9.31 -10.48 8.36
CA TYR A 138 -10.62 -10.51 8.98
C TYR A 138 -11.49 -11.49 8.21
N VAL A 139 -12.19 -12.35 8.94
CA VAL A 139 -13.19 -13.23 8.38
C VAL A 139 -14.49 -12.97 9.11
N ASP A 140 -15.59 -13.39 8.50
CA ASP A 140 -16.91 -13.18 9.10
C ASP A 140 -17.01 -13.99 10.38
N ILE A 141 -17.15 -13.31 11.52
CA ILE A 141 -17.20 -14.04 12.79
C ILE A 141 -18.51 -14.79 12.93
N ASN A 142 -19.57 -14.34 12.25
CA ASN A 142 -20.83 -15.06 12.30
C ASN A 142 -20.70 -16.46 11.71
N THR A 143 -19.88 -16.61 10.66
CA THR A 143 -19.67 -17.91 10.04
C THR A 143 -18.36 -18.54 10.49
N PHE A 144 -17.70 -18.01 11.51
CA PHE A 144 -16.39 -18.53 11.87
C PHE A 144 -16.47 -20.00 12.23
N ARG A 145 -15.50 -20.77 11.73
CA ARG A 145 -15.42 -22.21 11.93
C ARG A 145 -13.98 -22.60 11.77
N LEU A 146 -13.49 -23.47 12.66
CA LEU A 146 -12.18 -24.05 12.47
C LEU A 146 -12.18 -24.86 11.18
N SER A 147 -11.05 -24.85 10.48
CA SER A 147 -10.91 -25.69 9.30
C SER A 147 -10.64 -27.14 9.72
N ALA A 148 -10.76 -28.04 8.74
CA ALA A 148 -10.46 -29.45 9.00
C ALA A 148 -9.03 -29.61 9.49
N ASP A 149 -8.11 -28.82 8.94
CA ASP A 149 -6.72 -28.89 9.37
C ASP A 149 -6.54 -28.45 10.82
N ASP A 150 -7.21 -27.38 11.23
CA ASP A 150 -7.17 -26.94 12.63
C ASP A 150 -7.69 -28.04 13.55
N ILE A 151 -8.81 -28.66 13.17
CA ILE A 151 -9.40 -29.70 14.01
C ILE A 151 -8.49 -30.92 14.08
N ARG A 152 -7.96 -31.34 12.93
N ARG A 152 -7.95 -31.35 12.93
CA ARG A 152 -7.01 -32.45 12.92
CA ARG A 152 -7.01 -32.46 12.93
C ARG A 152 -5.82 -32.17 13.82
C ARG A 152 -5.81 -32.17 13.83
N GLY A 153 -5.27 -30.96 13.74
CA GLY A 153 -4.11 -30.61 14.53
C GLY A 153 -4.39 -30.65 16.02
N ILE A 154 -5.47 -29.99 16.44
CA ILE A 154 -5.71 -29.91 17.88
C ILE A 154 -6.13 -31.26 18.43
N GLN A 155 -6.86 -32.06 17.65
CA GLN A 155 -7.26 -33.38 18.11
C GLN A 155 -6.11 -34.38 18.12
N SER A 156 -5.09 -34.17 17.29
CA SER A 156 -3.90 -35.01 17.39
C SER A 156 -3.20 -34.80 18.73
N LEU A 157 -3.24 -33.59 19.27
CA LEU A 157 -2.62 -33.27 20.54
C LEU A 157 -3.50 -33.60 21.74
N TYR A 158 -4.81 -33.41 21.63
CA TYR A 158 -5.69 -33.50 22.80
C TYR A 158 -6.88 -34.43 22.66
N GLY A 159 -7.10 -35.01 21.48
CA GLY A 159 -8.29 -35.80 21.24
C GLY A 159 -8.27 -37.14 21.93
N GLY B 2 1.78 -36.59 -3.59
CA GLY B 2 0.72 -36.96 -4.51
C GLY B 2 1.28 -37.42 -5.83
N PRO B 3 0.46 -37.38 -6.89
CA PRO B 3 0.94 -37.81 -8.21
C PRO B 3 2.16 -37.00 -8.63
N VAL B 4 3.12 -37.71 -9.24
CA VAL B 4 4.36 -37.11 -9.70
C VAL B 4 4.54 -37.47 -11.17
N TRP B 5 5.39 -36.71 -11.84
CA TRP B 5 5.81 -37.10 -13.19
C TRP B 5 6.69 -38.33 -13.11
N ARG B 6 6.37 -39.34 -13.94
CA ARG B 6 7.16 -40.57 -14.00
C ARG B 6 8.30 -40.47 -15.00
N LYS B 7 8.97 -39.32 -15.05
CA LYS B 7 10.11 -39.10 -15.93
C LYS B 7 10.78 -37.82 -15.46
N HIS B 8 12.04 -37.65 -15.83
CA HIS B 8 12.81 -36.48 -15.44
C HIS B 8 13.07 -35.52 -16.59
N TYR B 9 12.64 -35.86 -17.80
N TYR B 9 12.62 -35.83 -17.81
CA TYR B 9 12.73 -34.97 -18.96
CA TYR B 9 12.76 -34.94 -18.95
C TYR B 9 11.32 -34.48 -19.22
C TYR B 9 11.36 -34.44 -19.33
N ILE B 10 11.07 -33.20 -18.94
CA ILE B 10 9.73 -32.61 -19.06
C ILE B 10 9.79 -31.45 -20.04
N THR B 11 8.87 -31.42 -20.99
CA THR B 11 8.82 -30.36 -21.98
C THR B 11 7.74 -29.35 -21.63
N TYR B 12 7.94 -28.12 -22.09
CA TYR B 12 6.95 -27.08 -21.98
C TYR B 12 6.85 -26.32 -23.29
N ARG B 13 5.71 -25.69 -23.50
CA ARG B 13 5.47 -24.92 -24.70
C ARG B 13 4.62 -23.73 -24.30
N ILE B 14 4.99 -22.55 -24.79
CA ILE B 14 4.21 -21.34 -24.52
C ILE B 14 3.10 -21.28 -25.56
N ASN B 15 1.87 -21.53 -25.13
CA ASN B 15 0.75 -21.59 -26.08
C ASN B 15 0.51 -20.27 -26.76
N ASN B 16 0.61 -19.17 -26.01
CA ASN B 16 0.30 -17.82 -26.47
C ASN B 16 0.96 -16.85 -25.51
N TYR B 17 1.09 -15.60 -25.94
CA TYR B 17 1.83 -14.59 -25.21
C TYR B 17 0.89 -13.51 -24.70
N THR B 18 1.05 -13.13 -23.44
CA THR B 18 0.31 -11.98 -22.93
C THR B 18 0.79 -10.72 -23.63
N PRO B 19 -0.12 -9.84 -24.07
CA PRO B 19 0.30 -8.55 -24.61
C PRO B 19 0.86 -7.60 -23.58
N ASP B 20 0.83 -7.98 -22.29
CA ASP B 20 1.30 -7.09 -21.22
C ASP B 20 2.80 -6.91 -21.25
N MET B 21 3.53 -7.88 -21.79
CA MET B 21 4.99 -7.93 -21.68
C MET B 21 5.60 -8.15 -23.06
N ASN B 22 6.86 -7.74 -23.20
CA ASN B 22 7.63 -8.14 -24.36
C ASN B 22 7.76 -9.66 -24.40
N ARG B 23 7.68 -10.23 -25.60
CA ARG B 23 7.79 -11.67 -25.73
C ARG B 23 9.11 -12.19 -25.17
N GLU B 24 10.21 -11.48 -25.40
N GLU B 24 10.20 -11.48 -25.45
CA GLU B 24 11.48 -11.96 -24.85
CA GLU B 24 11.51 -11.78 -24.87
C GLU B 24 11.47 -11.92 -23.32
C GLU B 24 11.41 -11.94 -23.36
N ASP B 25 10.70 -11.02 -22.72
CA ASP B 25 10.60 -11.02 -21.26
C ASP B 25 9.71 -12.16 -20.73
N VAL B 26 8.66 -12.51 -21.47
CA VAL B 26 7.88 -13.68 -21.10
C VAL B 26 8.74 -14.95 -21.17
N ASP B 27 9.45 -15.12 -22.29
CA ASP B 27 10.32 -16.29 -22.43
C ASP B 27 11.31 -16.36 -21.28
N TYR B 28 11.92 -15.22 -20.93
CA TYR B 28 12.97 -15.20 -19.91
C TYR B 28 12.39 -15.53 -18.54
N ALA B 29 11.24 -14.95 -18.22
CA ALA B 29 10.61 -15.23 -16.92
C ALA B 29 10.27 -16.70 -16.78
N ILE B 30 9.71 -17.30 -17.84
CA ILE B 30 9.32 -18.70 -17.78
C ILE B 30 10.54 -19.60 -17.72
N ARG B 31 11.57 -19.29 -18.53
CA ARG B 31 12.78 -20.10 -18.48
C ARG B 31 13.44 -20.03 -17.11
N LYS B 32 13.55 -18.83 -16.55
N LYS B 32 13.53 -18.83 -16.54
CA LYS B 32 14.15 -18.68 -15.22
CA LYS B 32 14.12 -18.66 -15.22
C LYS B 32 13.34 -19.42 -14.17
C LYS B 32 13.33 -19.43 -14.17
N ALA B 33 12.00 -19.40 -14.28
CA ALA B 33 11.16 -20.11 -13.31
C ALA B 33 11.38 -21.62 -13.36
N PHE B 34 11.47 -22.20 -14.56
CA PHE B 34 11.85 -23.60 -14.64
C PHE B 34 13.23 -23.85 -14.08
N GLN B 35 14.18 -22.95 -14.36
CA GLN B 35 15.53 -23.09 -13.81
C GLN B 35 15.51 -23.20 -12.29
N VAL B 36 14.61 -22.46 -11.64
CA VAL B 36 14.54 -22.51 -10.18
C VAL B 36 14.36 -23.94 -9.69
N TRP B 37 13.46 -24.70 -10.33
CA TRP B 37 13.16 -26.05 -9.87
C TRP B 37 14.18 -27.07 -10.38
N SER B 38 14.69 -26.90 -11.60
N SER B 38 14.70 -26.89 -11.59
CA SER B 38 15.71 -27.82 -12.09
CA SER B 38 15.71 -27.81 -12.10
C SER B 38 16.97 -27.76 -11.23
C SER B 38 17.00 -27.74 -11.31
N ASN B 39 17.30 -26.58 -10.70
CA ASN B 39 18.52 -26.43 -9.91
C ASN B 39 18.49 -27.21 -8.60
N VAL B 40 17.35 -27.72 -8.16
CA VAL B 40 17.27 -28.42 -6.88
C VAL B 40 16.68 -29.82 -7.02
N THR B 41 16.55 -30.31 -8.26
CA THR B 41 16.01 -31.64 -8.56
C THR B 41 16.79 -32.28 -9.71
N PRO B 42 16.56 -33.56 -10.00
CA PRO B 42 17.08 -34.13 -11.26
C PRO B 42 16.24 -33.81 -12.49
N LEU B 43 15.21 -32.97 -12.37
CA LEU B 43 14.35 -32.68 -13.50
C LEU B 43 15.05 -31.77 -14.50
N LYS B 44 14.85 -32.04 -15.79
CA LYS B 44 15.38 -31.23 -16.87
C LYS B 44 14.21 -30.76 -17.73
N PHE B 45 14.13 -29.45 -17.97
CA PHE B 45 13.04 -28.87 -18.72
C PHE B 45 13.53 -28.37 -20.07
N SER B 46 12.71 -28.58 -21.10
CA SER B 46 13.05 -28.19 -22.47
C SER B 46 11.85 -27.49 -23.09
N LYS B 47 12.10 -26.30 -23.65
CA LYS B 47 11.07 -25.57 -24.38
C LYS B 47 10.97 -26.14 -25.79
N ILE B 48 9.76 -26.52 -26.18
CA ILE B 48 9.49 -27.01 -27.53
C ILE B 48 8.61 -26.03 -28.25
N ASN B 49 8.77 -25.97 -29.57
CA ASN B 49 8.05 -25.02 -30.41
C ASN B 49 7.08 -25.71 -31.35
N THR B 50 6.95 -27.02 -31.24
CA THR B 50 6.01 -27.80 -32.02
C THR B 50 5.78 -29.09 -31.25
N GLY B 51 4.66 -29.76 -31.56
CA GLY B 51 4.32 -30.98 -30.86
C GLY B 51 3.64 -30.73 -29.53
N MET B 52 3.27 -31.82 -28.87
N MET B 52 3.25 -31.82 -28.89
CA MET B 52 2.54 -31.75 -27.62
CA MET B 52 2.55 -31.75 -27.61
C MET B 52 3.52 -31.75 -26.44
C MET B 52 3.58 -31.72 -26.48
N ALA B 53 3.53 -30.67 -25.68
CA ALA B 53 4.40 -30.54 -24.52
C ALA B 53 3.73 -31.15 -23.31
N ASP B 54 4.54 -31.48 -22.30
CA ASP B 54 4.00 -31.91 -21.02
C ASP B 54 3.28 -30.77 -20.32
N ILE B 55 3.95 -29.63 -20.20
CA ILE B 55 3.41 -28.44 -19.52
C ILE B 55 3.10 -27.39 -20.59
N LEU B 56 1.81 -27.17 -20.85
CA LEU B 56 1.40 -26.08 -21.73
C LEU B 56 1.18 -24.83 -20.89
N VAL B 57 1.83 -23.74 -21.30
CA VAL B 57 1.74 -22.44 -20.62
C VAL B 57 0.75 -21.59 -21.41
N VAL B 58 -0.30 -21.12 -20.76
CA VAL B 58 -1.40 -20.42 -21.42
C VAL B 58 -1.68 -19.13 -20.67
N PHE B 59 -1.94 -18.06 -21.41
CA PHE B 59 -2.53 -16.83 -20.86
C PHE B 59 -3.97 -16.75 -21.34
N ALA B 60 -4.92 -16.68 -20.41
CA ALA B 60 -6.32 -16.61 -20.77
C ALA B 60 -7.09 -15.88 -19.69
N ARG B 61 -8.23 -15.30 -20.08
CA ARG B 61 -9.12 -14.67 -19.13
C ARG B 61 -10.45 -15.42 -19.05
N GLY B 62 -11.14 -15.25 -17.93
CA GLY B 62 -12.45 -15.84 -17.73
C GLY B 62 -12.47 -17.32 -18.03
N ALA B 63 -13.54 -17.76 -18.69
CA ALA B 63 -13.67 -19.17 -19.06
C ALA B 63 -12.75 -19.47 -20.23
N HIS B 64 -11.97 -20.54 -20.11
CA HIS B 64 -10.95 -20.83 -21.13
C HIS B 64 -10.82 -22.33 -21.40
N GLY B 65 -11.92 -23.08 -21.26
CA GLY B 65 -12.01 -24.44 -21.76
C GLY B 65 -11.43 -25.53 -20.89
N ASP B 66 -11.27 -25.30 -19.58
CA ASP B 66 -10.77 -26.34 -18.68
C ASP B 66 -11.66 -26.53 -17.45
N ASP B 67 -12.86 -25.95 -17.44
CA ASP B 67 -13.84 -26.03 -16.36
C ASP B 67 -13.42 -25.30 -15.09
N HIS B 68 -12.36 -24.48 -15.15
CA HIS B 68 -11.93 -23.67 -14.01
C HIS B 68 -11.75 -22.22 -14.49
N ALA B 69 -12.87 -21.51 -14.60
CA ALA B 69 -12.83 -20.16 -15.13
C ALA B 69 -12.11 -19.19 -14.18
N PHE B 70 -11.39 -18.24 -14.76
CA PHE B 70 -10.78 -17.16 -14.02
C PHE B 70 -11.82 -16.10 -13.64
N ASP B 71 -11.36 -15.07 -12.93
CA ASP B 71 -12.25 -14.21 -12.17
C ASP B 71 -11.96 -12.72 -12.34
N GLY B 72 -11.35 -12.31 -13.46
CA GLY B 72 -11.04 -10.90 -13.63
C GLY B 72 -9.79 -10.50 -12.85
N LYS B 73 -9.52 -9.19 -12.82
CA LYS B 73 -8.31 -8.73 -12.16
C LYS B 73 -8.35 -9.04 -10.65
N GLY B 74 -7.22 -9.47 -10.13
CA GLY B 74 -7.12 -9.82 -8.72
C GLY B 74 -7.56 -11.24 -8.45
N GLY B 75 -7.78 -11.54 -7.18
CA GLY B 75 -8.28 -12.85 -6.84
C GLY B 75 -7.34 -13.93 -7.31
N ILE B 76 -7.88 -14.93 -8.01
CA ILE B 76 -7.07 -15.99 -8.59
C ILE B 76 -6.18 -15.38 -9.67
N LEU B 77 -4.86 -15.54 -9.52
CA LEU B 77 -3.94 -14.94 -10.48
C LEU B 77 -3.56 -15.91 -11.59
N ALA B 78 -3.67 -17.21 -11.32
CA ALA B 78 -3.18 -18.27 -12.18
C ALA B 78 -3.58 -19.57 -11.51
N HIS B 79 -3.35 -20.68 -12.23
N HIS B 79 -3.36 -20.67 -12.24
CA HIS B 79 -3.61 -22.00 -11.69
CA HIS B 79 -3.53 -21.99 -11.65
C HIS B 79 -2.88 -23.03 -12.53
C HIS B 79 -2.76 -22.99 -12.48
N ALA B 80 -2.56 -24.17 -11.90
CA ALA B 80 -1.86 -25.23 -12.60
C ALA B 80 -2.38 -26.58 -12.14
N PHE B 81 -2.39 -27.51 -13.08
CA PHE B 81 -2.84 -28.88 -12.82
C PHE B 81 -1.65 -29.76 -12.48
N GLY B 82 -1.86 -30.70 -11.56
CA GLY B 82 -0.80 -31.60 -11.15
C GLY B 82 -0.42 -32.55 -12.26
N PRO B 83 0.67 -33.31 -12.05
CA PRO B 83 1.17 -34.20 -13.10
C PRO B 83 0.11 -35.16 -13.62
N GLY B 84 0.15 -35.37 -14.92
CA GLY B 84 -0.85 -36.20 -15.57
C GLY B 84 -0.89 -35.92 -17.06
N SER B 85 -1.61 -36.78 -17.76
CA SER B 85 -1.76 -36.61 -19.20
C SER B 85 -2.67 -35.43 -19.51
N GLY B 86 -2.58 -34.96 -20.75
CA GLY B 86 -3.49 -33.94 -21.24
C GLY B 86 -3.36 -32.65 -20.47
N ILE B 87 -4.47 -32.23 -19.85
CA ILE B 87 -4.48 -31.00 -19.06
C ILE B 87 -3.51 -31.09 -17.88
N GLY B 88 -3.13 -32.30 -17.48
CA GLY B 88 -2.17 -32.47 -16.41
C GLY B 88 -0.91 -31.67 -16.66
N GLY B 89 -0.38 -31.04 -15.61
CA GLY B 89 0.83 -30.23 -15.75
C GLY B 89 0.62 -28.83 -16.26
N ASP B 90 -0.48 -28.55 -16.94
CA ASP B 90 -0.60 -27.28 -17.62
C ASP B 90 -0.70 -26.12 -16.62
N ALA B 91 -0.12 -24.99 -17.01
CA ALA B 91 -0.05 -23.80 -16.15
C ALA B 91 -0.69 -22.64 -16.89
N HIS B 92 -1.73 -22.04 -16.28
CA HIS B 92 -2.50 -20.98 -16.91
C HIS B 92 -2.41 -19.72 -16.07
N PHE B 93 -2.25 -18.59 -16.74
CA PHE B 93 -2.07 -17.29 -16.11
C PHE B 93 -3.23 -16.40 -16.53
N ASP B 94 -3.90 -15.79 -15.56
CA ASP B 94 -5.11 -15.00 -15.81
C ASP B 94 -4.71 -13.72 -16.53
N GLU B 95 -5.16 -13.59 -17.78
CA GLU B 95 -4.80 -12.42 -18.59
C GLU B 95 -5.40 -11.15 -18.03
N ASP B 96 -6.42 -11.24 -17.16
CA ASP B 96 -6.92 -10.02 -16.54
C ASP B 96 -5.98 -9.44 -15.49
N GLU B 97 -4.92 -10.15 -15.13
CA GLU B 97 -3.85 -9.50 -14.39
C GLU B 97 -2.94 -8.77 -15.37
N PHE B 98 -2.15 -7.85 -14.84
CA PHE B 98 -1.12 -7.18 -15.60
C PHE B 98 0.24 -7.78 -15.26
N TRP B 99 0.75 -8.60 -16.18
CA TRP B 99 2.00 -9.31 -15.95
C TRP B 99 3.19 -8.40 -16.20
N THR B 100 4.19 -8.47 -15.31
N THR B 100 4.20 -8.48 -15.33
CA THR B 100 5.34 -7.57 -15.35
CA THR B 100 5.33 -7.59 -15.41
C THR B 100 6.64 -8.31 -15.08
C THR B 100 6.63 -8.34 -15.14
N THR B 101 7.74 -7.69 -15.52
CA THR B 101 9.07 -8.24 -15.26
C THR B 101 9.52 -8.02 -13.83
N HIS B 102 9.01 -6.96 -13.19
CA HIS B 102 9.33 -6.67 -11.79
C HIS B 102 8.02 -6.52 -11.02
N SER B 103 7.82 -5.40 -10.32
CA SER B 103 6.67 -5.25 -9.43
C SER B 103 5.59 -4.29 -9.95
N GLY B 104 5.63 -3.93 -11.23
N GLY B 104 5.61 -3.92 -11.23
CA GLY B 104 4.63 -3.03 -11.78
CA GLY B 104 4.60 -2.97 -11.68
C GLY B 104 3.33 -3.72 -12.13
C GLY B 104 3.17 -3.48 -11.66
N GLY B 105 2.98 -4.76 -11.38
CA GLY B 105 1.73 -5.47 -11.57
C GLY B 105 1.84 -6.79 -10.84
N THR B 106 1.53 -7.91 -11.50
CA THR B 106 1.77 -9.23 -10.93
C THR B 106 3.02 -9.79 -11.60
N ASN B 107 4.02 -10.16 -10.80
CA ASN B 107 5.29 -10.60 -11.37
C ASN B 107 5.15 -11.98 -11.99
N LEU B 108 5.46 -12.08 -13.30
CA LEU B 108 5.30 -13.34 -14.01
C LEU B 108 6.26 -14.40 -13.49
N PHE B 109 7.55 -14.05 -13.35
CA PHE B 109 8.54 -15.00 -12.85
C PHE B 109 8.11 -15.64 -11.53
N LEU B 110 7.78 -14.82 -10.52
CA LEU B 110 7.43 -15.37 -9.22
C LEU B 110 6.16 -16.20 -9.28
N THR B 111 5.17 -15.75 -10.04
CA THR B 111 3.95 -16.52 -10.19
C THR B 111 4.23 -17.83 -10.90
N ALA B 112 5.09 -17.79 -11.93
CA ALA B 112 5.43 -19.01 -12.66
C ALA B 112 6.18 -20.01 -11.79
N VAL B 113 7.04 -19.55 -10.88
CA VAL B 113 7.70 -20.48 -9.97
C VAL B 113 6.67 -21.22 -9.14
N HIS B 114 5.70 -20.45 -8.60
CA HIS B 114 4.65 -21.05 -7.78
C HIS B 114 3.81 -22.04 -8.59
N GLU B 115 3.37 -21.65 -9.80
CA GLU B 115 2.49 -22.51 -10.57
C GLU B 115 3.22 -23.76 -11.07
N ILE B 116 4.48 -23.61 -11.49
CA ILE B 116 5.25 -24.78 -11.89
C ILE B 116 5.42 -25.74 -10.72
N GLY B 117 5.58 -25.19 -9.51
CA GLY B 117 5.56 -26.06 -8.33
C GLY B 117 4.35 -26.97 -8.32
N HIS B 118 3.17 -26.38 -8.56
CA HIS B 118 1.95 -27.17 -8.66
C HIS B 118 2.01 -28.15 -9.84
N SER B 119 2.52 -27.70 -11.00
CA SER B 119 2.62 -28.57 -12.16
C SER B 119 3.49 -29.78 -11.88
N LEU B 120 4.46 -29.65 -10.95
CA LEU B 120 5.32 -30.74 -10.57
C LEU B 120 4.76 -31.57 -9.43
N GLY B 121 3.62 -31.16 -8.84
CA GLY B 121 2.93 -31.95 -7.85
C GLY B 121 2.95 -31.39 -6.45
N LEU B 122 3.50 -30.20 -6.24
CA LEU B 122 3.55 -29.61 -4.92
C LEU B 122 2.21 -28.98 -4.55
N GLY B 123 1.87 -29.08 -3.27
CA GLY B 123 0.79 -28.31 -2.69
C GLY B 123 1.35 -27.06 -2.03
N HIS B 124 0.55 -26.48 -1.14
CA HIS B 124 0.96 -25.22 -0.53
C HIS B 124 1.77 -25.44 0.75
N SER B 125 2.51 -24.40 1.12
CA SER B 125 3.38 -24.40 2.28
C SER B 125 2.79 -23.49 3.36
N SER B 126 3.09 -23.82 4.61
CA SER B 126 2.73 -23.00 5.75
C SER B 126 3.80 -21.97 6.08
N ASP B 127 4.94 -22.00 5.37
CA ASP B 127 5.99 -21.02 5.58
C ASP B 127 5.69 -19.78 4.75
N PRO B 128 5.48 -18.61 5.36
CA PRO B 128 5.20 -17.40 4.56
C PRO B 128 6.34 -17.00 3.64
N LYS B 129 7.55 -17.51 3.87
CA LYS B 129 8.69 -17.23 3.01
C LYS B 129 8.83 -18.22 1.87
N ALA B 130 8.02 -19.27 1.85
CA ALA B 130 8.07 -20.27 0.80
C ALA B 130 7.40 -19.75 -0.47
N VAL B 131 7.98 -20.12 -1.62
CA VAL B 131 7.33 -19.77 -2.88
C VAL B 131 5.99 -20.45 -3.03
N MET B 132 5.77 -21.60 -2.35
CA MET B 132 4.51 -22.30 -2.39
C MET B 132 3.52 -21.86 -1.31
N PHE B 133 3.83 -20.78 -0.60
CA PHE B 133 2.82 -20.15 0.25
C PHE B 133 1.60 -19.80 -0.60
N PRO B 134 0.39 -19.87 -0.02
CA PRO B 134 -0.82 -19.62 -0.85
C PRO B 134 -0.98 -18.19 -1.34
N THR B 135 -0.37 -17.20 -0.70
CA THR B 135 -0.67 -15.80 -0.99
C THR B 135 0.45 -15.16 -1.79
N TYR B 136 0.11 -14.59 -2.93
CA TYR B 136 1.10 -13.87 -3.71
C TYR B 136 1.53 -12.61 -2.99
N ALA B 137 2.83 -12.33 -3.03
CA ALA B 137 3.35 -11.03 -2.66
C ALA B 137 4.66 -10.88 -3.39
N TYR B 138 4.94 -9.68 -3.87
CA TYR B 138 6.24 -9.46 -4.50
C TYR B 138 7.34 -9.60 -3.46
N VAL B 139 8.44 -10.22 -3.87
CA VAL B 139 9.67 -10.29 -3.11
C VAL B 139 10.79 -9.79 -4.03
N ASP B 140 11.87 -9.33 -3.41
CA ASP B 140 13.03 -8.88 -4.17
C ASP B 140 13.57 -10.02 -5.02
N ILE B 141 13.49 -9.90 -6.35
CA ILE B 141 13.96 -10.97 -7.20
C ILE B 141 15.47 -11.11 -7.10
N ASN B 142 16.16 -10.01 -6.79
CA ASN B 142 17.60 -10.06 -6.63
C ASN B 142 18.01 -11.01 -5.52
N THR B 143 17.17 -11.19 -4.50
CA THR B 143 17.49 -12.08 -3.40
C THR B 143 16.64 -13.35 -3.41
N PHE B 144 15.87 -13.59 -4.48
CA PHE B 144 14.91 -14.67 -4.44
C PHE B 144 15.60 -16.01 -4.23
N ARG B 145 15.03 -16.82 -3.35
CA ARG B 145 15.56 -18.15 -3.08
C ARG B 145 14.39 -19.02 -2.64
N LEU B 146 14.38 -20.27 -3.09
CA LEU B 146 13.45 -21.24 -2.53
C LEU B 146 13.67 -21.36 -1.04
N SER B 147 12.60 -21.56 -0.29
CA SER B 147 12.75 -21.80 1.13
C SER B 147 13.14 -23.25 1.38
N ALA B 148 13.62 -23.53 2.60
CA ALA B 148 13.91 -24.90 2.98
C ALA B 148 12.70 -25.79 2.82
N ASP B 149 11.50 -25.25 3.06
CA ASP B 149 10.29 -26.04 2.93
C ASP B 149 10.01 -26.37 1.46
N ASP B 150 10.27 -25.42 0.55
CA ASP B 150 10.10 -25.70 -0.87
C ASP B 150 11.05 -26.79 -1.32
N ILE B 151 12.31 -26.72 -0.90
CA ILE B 151 13.29 -27.71 -1.32
C ILE B 151 12.94 -29.08 -0.76
N ARG B 152 12.59 -29.14 0.53
CA ARG B 152 12.14 -30.40 1.12
C ARG B 152 10.95 -30.98 0.37
N GLY B 153 9.97 -30.13 0.04
CA GLY B 153 8.81 -30.62 -0.69
C GLY B 153 9.17 -31.22 -2.03
N ILE B 154 9.89 -30.46 -2.86
CA ILE B 154 10.17 -30.94 -4.21
C ILE B 154 11.12 -32.13 -4.19
N GLN B 155 12.09 -32.14 -3.27
CA GLN B 155 12.97 -33.29 -3.16
C GLN B 155 12.26 -34.52 -2.58
N SER B 156 11.17 -34.34 -1.85
CA SER B 156 10.42 -35.51 -1.39
C SER B 156 9.67 -36.19 -2.53
N LEU B 157 9.52 -35.50 -3.66
CA LEU B 157 8.83 -36.05 -4.82
C LEU B 157 9.78 -36.57 -5.89
N TYR B 158 10.94 -35.94 -6.05
CA TYR B 158 11.88 -36.30 -7.11
C TYR B 158 13.31 -36.58 -6.64
N GLY B 159 13.65 -36.32 -5.39
CA GLY B 159 15.02 -36.48 -4.92
C GLY B 159 15.43 -37.88 -4.52
N GLY C 2 6.87 6.53 11.04
CA GLY C 2 7.17 7.61 11.97
C GLY C 2 6.37 7.50 13.25
N PRO C 3 6.58 8.44 14.17
CA PRO C 3 5.92 8.34 15.47
C PRO C 3 4.41 8.55 15.36
N VAL C 4 3.69 7.90 16.27
CA VAL C 4 2.26 8.11 16.45
C VAL C 4 2.00 8.27 17.94
N TRP C 5 0.86 8.86 18.27
CA TRP C 5 0.43 8.88 19.66
C TRP C 5 0.12 7.47 20.11
N ARG C 6 0.58 7.10 21.30
N ARG C 6 0.57 7.10 21.30
CA ARG C 6 0.39 5.77 21.84
CA ARG C 6 0.39 5.77 21.84
C ARG C 6 -0.79 5.69 22.81
C ARG C 6 -0.80 5.67 22.79
N LYS C 7 -1.75 6.59 22.66
CA LYS C 7 -2.95 6.60 23.49
C LYS C 7 -4.06 7.22 22.64
N HIS C 8 -5.29 6.98 23.05
CA HIS C 8 -6.43 7.45 22.26
C HIS C 8 -6.99 8.76 22.75
N TYR C 9 -6.81 9.07 24.03
CA TYR C 9 -7.36 10.28 24.64
C TYR C 9 -6.26 11.34 24.60
N ILE C 10 -6.41 12.32 23.71
CA ILE C 10 -5.41 13.34 23.45
C ILE C 10 -6.01 14.68 23.87
N THR C 11 -5.24 15.47 24.61
CA THR C 11 -5.70 16.78 25.03
C THR C 11 -5.07 17.87 24.19
N TYR C 12 -5.82 18.97 24.05
CA TYR C 12 -5.30 20.16 23.42
C TYR C 12 -5.59 21.37 24.29
N ARG C 13 -4.80 22.42 24.09
CA ARG C 13 -5.01 23.63 24.84
C ARG C 13 -4.66 24.80 23.93
N ILE C 14 -5.50 25.82 23.95
CA ILE C 14 -5.27 27.03 23.17
C ILE C 14 -4.40 27.96 24.00
N ASN C 15 -3.14 28.12 23.57
CA ASN C 15 -2.18 28.90 24.34
C ASN C 15 -2.56 30.38 24.37
N ASN C 16 -3.03 30.90 23.24
CA ASN C 16 -3.31 32.31 23.09
C ASN C 16 -4.22 32.44 21.87
N TYR C 17 -4.90 33.58 21.77
CA TYR C 17 -5.90 33.80 20.73
C TYR C 17 -5.44 34.86 19.74
N THR C 18 -5.64 34.58 18.45
CA THR C 18 -5.41 35.59 17.45
C THR C 18 -6.42 36.73 17.60
N PRO C 19 -5.98 37.99 17.48
CA PRO C 19 -6.94 39.10 17.48
C PRO C 19 -7.73 39.22 16.18
N ASP C 20 -7.48 38.34 15.20
CA ASP C 20 -8.14 38.44 13.90
C ASP C 20 -9.60 38.05 13.98
N MET C 21 -9.95 37.18 14.95
CA MET C 21 -11.25 36.52 15.00
C MET C 21 -11.82 36.64 16.41
N ASN C 22 -13.15 36.52 16.50
CA ASN C 22 -13.78 36.39 17.82
C ASN C 22 -13.34 35.08 18.47
N ARG C 23 -13.15 35.13 19.79
CA ARG C 23 -12.67 33.93 20.48
C ARG C 23 -13.58 32.73 20.26
N GLU C 24 -14.91 32.93 20.27
N GLU C 24 -14.90 32.95 20.27
CA GLU C 24 -15.81 31.81 20.09
CA GLU C 24 -15.81 31.82 20.09
C GLU C 24 -15.64 31.17 18.72
C GLU C 24 -15.62 31.16 18.73
N ASP C 25 -15.21 31.94 17.72
CA ASP C 25 -14.97 31.39 16.39
C ASP C 25 -13.64 30.66 16.32
N VAL C 26 -12.61 31.16 17.01
CA VAL C 26 -11.38 30.39 17.17
C VAL C 26 -11.67 29.05 17.81
N ASP C 27 -12.35 29.07 18.95
CA ASP C 27 -12.67 27.84 19.67
C ASP C 27 -13.39 26.87 18.76
N TYR C 28 -14.38 27.36 18.02
CA TYR C 28 -15.19 26.46 17.21
C TYR C 28 -14.40 25.89 16.04
N ALA C 29 -13.56 26.71 15.40
CA ALA C 29 -12.77 26.21 14.29
C ALA C 29 -11.84 25.10 14.73
N ILE C 30 -11.19 25.30 15.87
CA ILE C 30 -10.24 24.31 16.36
C ILE C 30 -10.98 23.05 16.79
N ARG C 31 -12.11 23.20 17.49
CA ARG C 31 -12.84 22.03 17.94
C ARG C 31 -13.36 21.21 16.76
N LYS C 32 -13.95 21.88 15.78
CA LYS C 32 -14.41 21.18 14.57
C LYS C 32 -13.26 20.53 13.81
N ALA C 33 -12.10 21.19 13.76
CA ALA C 33 -10.95 20.59 13.08
C ALA C 33 -10.55 19.27 13.72
N PHE C 34 -10.55 19.20 15.05
CA PHE C 34 -10.26 17.92 15.72
C PHE C 34 -11.33 16.91 15.42
N GLN C 35 -12.58 17.36 15.33
N GLN C 35 -12.60 17.35 15.36
CA GLN C 35 -13.68 16.44 15.06
CA GLN C 35 -13.70 16.45 15.04
C GLN C 35 -13.56 15.79 13.68
C GLN C 35 -13.50 15.77 13.69
N VAL C 36 -12.93 16.48 12.71
CA VAL C 36 -12.69 15.88 11.40
C VAL C 36 -11.89 14.59 11.55
N TRP C 37 -10.85 14.61 12.38
CA TRP C 37 -10.02 13.43 12.54
C TRP C 37 -10.63 12.42 13.50
N SER C 38 -11.28 12.87 14.58
CA SER C 38 -11.91 11.90 15.47
C SER C 38 -13.05 11.17 14.78
N ASN C 39 -13.64 11.75 13.73
CA ASN C 39 -14.73 11.08 13.03
C ASN C 39 -14.28 9.88 12.21
N VAL C 40 -12.98 9.73 11.94
CA VAL C 40 -12.49 8.64 11.12
C VAL C 40 -11.40 7.82 11.82
N THR C 41 -11.22 8.02 13.15
CA THR C 41 -10.25 7.28 13.95
C THR C 41 -10.83 6.98 15.32
N PRO C 42 -10.19 6.15 16.12
CA PRO C 42 -10.59 6.01 17.53
C PRO C 42 -10.06 7.10 18.46
N LEU C 43 -9.42 8.14 17.94
CA LEU C 43 -8.89 9.18 18.81
C LEU C 43 -10.02 10.06 19.34
N LYS C 44 -9.89 10.43 20.61
N LYS C 44 -9.87 10.50 20.59
CA LYS C 44 -10.79 11.37 21.26
CA LYS C 44 -10.84 11.38 21.23
C LYS C 44 -9.95 12.58 21.61
C LYS C 44 -10.09 12.58 21.79
N PHE C 45 -10.49 13.77 21.38
CA PHE C 45 -9.79 15.01 21.67
C PHE C 45 -10.58 15.80 22.71
N SER C 46 -9.90 16.29 23.73
N SER C 46 -9.89 16.28 23.74
CA SER C 46 -10.56 17.08 24.77
CA SER C 46 -10.52 17.08 24.77
C SER C 46 -9.76 18.34 25.05
C SER C 46 -9.73 18.37 24.96
N LYS C 47 -10.46 19.47 25.10
CA LYS C 47 -9.82 20.75 25.37
C LYS C 47 -9.61 20.88 26.88
N ILE C 48 -8.39 21.27 27.26
CA ILE C 48 -8.11 21.54 28.67
C ILE C 48 -7.70 22.99 28.80
N ASN C 49 -7.90 23.53 30.00
CA ASN C 49 -7.71 24.95 30.27
C ASN C 49 -6.65 25.20 31.31
N THR C 50 -5.98 24.16 31.78
CA THR C 50 -4.88 24.28 32.71
C THR C 50 -4.05 23.00 32.60
N GLY C 51 -2.81 23.08 33.04
CA GLY C 51 -1.90 21.96 32.92
C GLY C 51 -1.32 21.81 31.51
N MET C 52 -0.49 20.78 31.35
N MET C 52 -0.50 20.77 31.36
CA MET C 52 0.18 20.56 30.07
CA MET C 52 0.16 20.51 30.09
C MET C 52 -0.68 19.66 29.19
C MET C 52 -0.76 19.66 29.21
N ALA C 53 -1.04 20.16 28.01
CA ALA C 53 -1.78 19.40 27.03
C ALA C 53 -0.82 18.64 26.11
N ASP C 54 -1.36 17.68 25.37
CA ASP C 54 -0.58 17.00 24.34
C ASP C 54 -0.31 17.92 23.16
N ILE C 55 -1.36 18.53 22.63
CA ILE C 55 -1.27 19.43 21.49
C ILE C 55 -1.50 20.85 21.96
N LEU C 56 -0.45 21.66 22.02
CA LEU C 56 -0.59 23.08 22.34
C LEU C 56 -0.80 23.86 21.06
N VAL C 57 -1.86 24.67 21.01
CA VAL C 57 -2.20 25.49 19.85
C VAL C 57 -1.72 26.91 20.13
N VAL C 58 -0.87 27.45 19.24
CA VAL C 58 -0.19 28.73 19.43
C VAL C 58 -0.43 29.59 18.21
N PHE C 59 -0.69 30.88 18.42
CA PHE C 59 -0.58 31.89 17.37
C PHE C 59 0.65 32.75 17.65
N ALA C 60 1.54 32.86 16.67
CA ALA C 60 2.77 33.60 16.85
C ALA C 60 3.27 34.09 15.50
N ARG C 61 4.03 35.17 15.52
CA ARG C 61 4.63 35.67 14.30
C ARG C 61 6.15 35.57 14.40
N GLY C 62 6.79 35.50 13.24
CA GLY C 62 8.25 35.52 13.18
C GLY C 62 8.89 34.43 14.02
N ALA C 63 9.98 34.79 14.69
CA ALA C 63 10.66 33.87 15.58
C ALA C 63 9.86 33.72 16.85
N HIS C 64 9.57 32.47 17.24
CA HIS C 64 8.73 32.26 18.41
C HIS C 64 9.25 31.13 19.29
N GLY C 65 10.56 30.91 19.29
CA GLY C 65 11.19 30.09 20.30
C GLY C 65 11.26 28.60 20.01
N ASP C 66 11.08 28.16 18.76
CA ASP C 66 11.18 26.75 18.42
C ASP C 66 12.14 26.47 17.26
N ASP C 67 12.98 27.43 16.88
CA ASP C 67 13.99 27.30 15.83
C ASP C 67 13.41 27.19 14.42
N HIS C 68 12.11 27.46 14.25
CA HIS C 68 11.45 27.45 12.94
C HIS C 68 10.64 28.74 12.81
N ALA C 69 11.34 29.84 12.54
CA ALA C 69 10.68 31.13 12.49
C ALA C 69 9.72 31.22 11.31
N PHE C 70 8.59 31.89 11.54
CA PHE C 70 7.67 32.22 10.47
C PHE C 70 8.22 33.39 9.65
N ASP C 71 7.46 33.78 8.62
CA ASP C 71 7.98 34.54 7.50
C ASP C 71 7.13 35.72 7.09
N GLY C 72 6.26 36.22 7.97
CA GLY C 72 5.37 37.30 7.58
C GLY C 72 4.19 36.77 6.79
N LYS C 73 3.42 37.69 6.22
CA LYS C 73 2.18 37.28 5.56
C LYS C 73 2.48 36.43 4.33
N GLY C 74 1.69 35.38 4.15
CA GLY C 74 1.90 34.48 3.04
C GLY C 74 2.95 33.43 3.36
N GLY C 75 3.34 32.69 2.33
CA GLY C 75 4.36 31.67 2.50
C GLY C 75 3.91 30.59 3.45
N ILE C 76 4.73 30.36 4.47
CA ILE C 76 4.40 29.37 5.51
C ILE C 76 3.25 29.94 6.33
N LEU C 77 2.14 29.22 6.38
CA LEU C 77 0.96 29.74 7.07
C LEU C 77 0.89 29.27 8.52
N ALA C 78 1.58 28.19 8.84
CA ALA C 78 1.45 27.48 10.11
C ALA C 78 2.42 26.31 10.02
N HIS C 79 2.62 25.64 11.14
CA HIS C 79 3.39 24.40 11.13
C HIS C 79 3.03 23.60 12.38
N ALA C 80 3.31 22.30 12.33
CA ALA C 80 3.03 21.43 13.47
C ALA C 80 4.09 20.36 13.58
N PHE C 81 4.39 19.97 14.82
CA PHE C 81 5.37 18.94 15.09
C PHE C 81 4.67 17.60 15.24
N GLY C 82 5.33 16.54 14.77
CA GLY C 82 4.77 15.21 14.85
C GLY C 82 4.66 14.73 16.28
N PRO C 83 3.98 13.60 16.48
CA PRO C 83 3.74 13.09 17.83
C PRO C 83 5.02 12.93 18.63
N GLY C 84 4.94 13.31 19.90
CA GLY C 84 6.06 13.20 20.81
C GLY C 84 5.81 14.03 22.05
N SER C 85 6.71 13.89 23.01
CA SER C 85 6.60 14.69 24.22
C SER C 85 7.01 16.13 23.93
N GLY C 86 6.69 17.02 24.87
CA GLY C 86 7.14 18.40 24.79
C GLY C 86 6.50 19.10 23.60
N ILE C 87 7.35 19.72 22.78
CA ILE C 87 6.85 20.42 21.60
C ILE C 87 6.21 19.48 20.58
N GLY C 88 6.45 18.18 20.70
CA GLY C 88 5.79 17.23 19.82
C GLY C 88 4.29 17.44 19.82
N GLY C 89 3.64 17.28 18.66
CA GLY C 89 2.21 17.51 18.56
C GLY C 89 1.79 18.97 18.43
N ASP C 90 2.62 19.92 18.83
CA ASP C 90 2.14 21.29 18.94
C ASP C 90 1.92 21.89 17.56
N ALA C 91 0.92 22.75 17.48
CA ALA C 91 0.46 23.33 16.23
C ALA C 91 0.51 24.84 16.36
N HIS C 92 1.27 25.49 15.47
CA HIS C 92 1.52 26.92 15.53
C HIS C 92 1.00 27.56 14.26
N PHE C 93 0.30 28.69 14.41
CA PHE C 93 -0.32 29.40 13.30
C PHE C 93 0.32 30.77 13.19
N ASP C 94 0.74 31.15 11.97
CA ASP C 94 1.47 32.39 11.77
C ASP C 94 0.52 33.56 11.97
N GLU C 95 0.77 34.38 12.99
CA GLU C 95 -0.13 35.50 13.26
C GLU C 95 -0.05 36.58 12.18
N ASP C 96 0.96 36.54 11.32
CA ASP C 96 0.98 37.48 10.22
C ASP C 96 0.01 37.11 9.11
N GLU C 97 -0.65 35.95 9.17
CA GLU C 97 -1.81 35.73 8.33
C GLU C 97 -3.03 36.38 8.97
N PHE C 98 -4.05 36.58 8.17
CA PHE C 98 -5.35 37.06 8.64
C PHE C 98 -6.27 35.86 8.70
N TRP C 99 -6.47 35.34 9.91
CA TRP C 99 -7.28 34.15 10.12
C TRP C 99 -8.75 34.50 10.11
N THR C 100 -9.55 33.69 9.40
CA THR C 100 -10.96 34.00 9.21
C THR C 100 -11.82 32.75 9.41
N THR C 101 -13.11 32.99 9.61
CA THR C 101 -14.11 31.93 9.63
C THR C 101 -14.62 31.59 8.24
N HIS C 102 -14.31 32.44 7.26
N HIS C 102 -14.32 32.41 7.24
CA HIS C 102 -14.82 32.35 5.89
CA HIS C 102 -14.80 32.08 5.90
C HIS C 102 -13.69 32.20 4.87
C HIS C 102 -13.70 32.18 4.84
N SER C 103 -13.90 32.76 3.67
N SER C 103 -14.01 32.74 3.66
CA SER C 103 -13.02 32.58 2.52
CA SER C 103 -13.15 32.60 2.49
C SER C 103 -11.96 33.67 2.38
C SER C 103 -12.03 33.65 2.41
N GLY C 104 -12.22 34.87 2.88
N GLY C 104 -12.24 34.85 2.94
CA GLY C 104 -11.17 35.87 2.93
CA GLY C 104 -11.18 35.84 2.94
C GLY C 104 -10.04 35.44 3.84
C GLY C 104 -10.03 35.44 3.85
N GLY C 105 -8.90 36.10 3.69
CA GLY C 105 -7.75 35.77 4.51
C GLY C 105 -7.35 34.31 4.37
N THR C 106 -7.03 33.68 5.50
CA THR C 106 -6.71 32.26 5.54
C THR C 106 -7.68 31.60 6.50
N ASN C 107 -8.43 30.61 6.01
CA ASN C 107 -9.44 29.97 6.85
C ASN C 107 -8.79 29.16 7.97
N LEU C 108 -9.15 29.47 9.22
CA LEU C 108 -8.53 28.79 10.36
C LEU C 108 -8.93 27.33 10.44
N PHE C 109 -10.21 27.00 10.24
CA PHE C 109 -10.67 25.62 10.31
C PHE C 109 -9.89 24.74 9.34
N LEU C 110 -9.82 25.15 8.06
CA LEU C 110 -9.16 24.33 7.05
C LEU C 110 -7.68 24.17 7.36
N THR C 111 -7.03 25.26 7.79
CA THR C 111 -5.62 25.18 8.14
C THR C 111 -5.40 24.30 9.36
N ALA C 112 -6.30 24.41 10.36
CA ALA C 112 -6.20 23.56 11.56
C ALA C 112 -6.36 22.08 11.21
N VAL C 113 -7.28 21.74 10.31
CA VAL C 113 -7.40 20.33 9.92
C VAL C 113 -6.07 19.83 9.38
N HIS C 114 -5.46 20.61 8.48
CA HIS C 114 -4.19 20.23 7.88
C HIS C 114 -3.11 20.08 8.96
N GLU C 115 -2.97 21.08 9.83
CA GLU C 115 -1.90 21.04 10.81
C GLU C 115 -2.12 19.93 11.84
N ILE C 116 -3.37 19.72 12.28
CA ILE C 116 -3.62 18.60 13.18
C ILE C 116 -3.27 17.27 12.50
N GLY C 117 -3.48 17.15 11.19
CA GLY C 117 -2.97 16.00 10.47
C GLY C 117 -1.49 15.75 10.74
N HIS C 118 -0.67 16.82 10.64
CA HIS C 118 0.74 16.70 10.98
C HIS C 118 0.96 16.34 12.45
N SER C 119 0.21 16.98 13.34
CA SER C 119 0.31 16.70 14.78
C SER C 119 0.07 15.23 15.09
N LEU C 120 -0.72 14.56 14.25
CA LEU C 120 -1.03 13.15 14.43
C LEU C 120 -0.07 12.24 13.68
N GLY C 121 0.83 12.81 12.86
CA GLY C 121 1.85 12.03 12.17
C GLY C 121 1.71 11.95 10.67
N LEU C 122 0.71 12.58 10.07
CA LEU C 122 0.56 12.52 8.62
C LEU C 122 1.54 13.44 7.92
N GLY C 123 1.96 13.01 6.73
CA GLY C 123 2.66 13.84 5.79
C GLY C 123 1.71 14.36 4.71
N HIS C 124 2.29 14.73 3.58
CA HIS C 124 1.52 15.39 2.53
C HIS C 124 0.98 14.41 1.48
N SER C 125 -0.04 14.87 0.76
CA SER C 125 -0.72 14.10 -0.27
C SER C 125 -0.48 14.74 -1.64
N SER C 126 -0.48 13.90 -2.68
CA SER C 126 -0.42 14.39 -4.06
C SER C 126 -1.80 14.70 -4.63
N ASP C 127 -2.86 14.47 -3.87
CA ASP C 127 -4.22 14.70 -4.35
C ASP C 127 -4.62 16.13 -4.02
N PRO C 128 -4.89 16.98 -5.02
CA PRO C 128 -5.32 18.35 -4.73
C PRO C 128 -6.60 18.45 -3.93
N LYS C 129 -7.40 17.39 -3.86
CA LYS C 129 -8.63 17.33 -3.07
C LYS C 129 -8.39 16.91 -1.63
N ALA C 130 -7.15 16.52 -1.29
CA ALA C 130 -6.83 16.09 0.06
C ALA C 130 -6.55 17.29 0.96
N VAL C 131 -7.01 17.19 2.21
CA VAL C 131 -6.69 18.25 3.16
C VAL C 131 -5.20 18.30 3.47
N MET C 132 -4.48 17.21 3.25
CA MET C 132 -3.04 17.15 3.44
C MET C 132 -2.25 17.45 2.17
N PHE C 133 -2.92 17.92 1.12
CA PHE C 133 -2.21 18.53 0.01
C PHE C 133 -1.32 19.65 0.56
N PRO C 134 -0.13 19.89 -0.02
CA PRO C 134 0.82 20.83 0.61
C PRO C 134 0.48 22.30 0.47
N THR C 135 -0.44 22.67 -0.42
CA THR C 135 -0.71 24.07 -0.71
C THR C 135 -2.13 24.41 -0.27
N TYR C 136 -2.25 25.43 0.57
CA TYR C 136 -3.56 25.89 1.00
C TYR C 136 -4.35 26.48 -0.16
N ALA C 137 -5.64 26.14 -0.21
CA ALA C 137 -6.61 26.88 -0.99
C ALA C 137 -7.93 26.77 -0.25
N TYR C 138 -8.74 27.81 -0.33
CA TYR C 138 -10.06 27.71 0.28
C TYR C 138 -10.90 26.71 -0.49
N VAL C 139 -11.60 25.85 0.24
CA VAL C 139 -12.58 24.94 -0.31
C VAL C 139 -13.89 25.19 0.42
N ASP C 140 -14.99 24.76 -0.19
CA ASP C 140 -16.31 24.94 0.41
C ASP C 140 -16.39 24.11 1.70
N ILE C 141 -16.56 24.79 2.84
CA ILE C 141 -16.59 24.05 4.09
C ILE C 141 -17.88 23.25 4.20
N ASN C 142 -18.95 23.74 3.57
CA ASN C 142 -20.21 23.00 3.59
C ASN C 142 -20.06 21.63 2.96
N THR C 143 -19.21 21.49 1.94
CA THR C 143 -19.01 20.19 1.31
C THR C 143 -17.70 19.54 1.75
N PHE C 144 -17.05 20.09 2.78
CA PHE C 144 -15.73 19.59 3.14
C PHE C 144 -15.81 18.13 3.56
N ARG C 145 -14.83 17.36 3.08
CA ARG C 145 -14.74 15.93 3.33
C ARG C 145 -13.28 15.54 3.15
N LEU C 146 -12.76 14.70 4.05
CA LEU C 146 -11.44 14.13 3.84
C LEU C 146 -11.44 13.33 2.55
N SER C 147 -10.32 13.37 1.83
CA SER C 147 -10.19 12.58 0.62
C SER C 147 -9.92 11.13 1.00
N ALA C 148 -10.04 10.23 0.01
CA ALA C 148 -9.69 8.84 0.25
C ALA C 148 -8.25 8.73 0.75
N ASP C 149 -7.35 9.56 0.22
CA ASP C 149 -5.96 9.49 0.63
C ASP C 149 -5.78 9.90 2.09
N ASP C 150 -6.49 10.95 2.53
CA ASP C 150 -6.42 11.35 3.93
C ASP C 150 -6.91 10.24 4.84
N ILE C 151 -8.01 9.59 4.47
CA ILE C 151 -8.58 8.54 5.32
C ILE C 151 -7.65 7.35 5.40
N ARG C 152 -7.12 6.91 4.26
N ARG C 152 -7.13 6.92 4.25
CA ARG C 152 -6.19 5.79 4.27
CA ARG C 152 -6.17 5.82 4.20
C ARG C 152 -4.95 6.12 5.09
C ARG C 152 -4.96 6.12 5.06
N GLY C 153 -4.44 7.34 4.95
CA GLY C 153 -3.26 7.72 5.71
C GLY C 153 -3.49 7.69 7.20
N ILE C 154 -4.59 8.30 7.66
CA ILE C 154 -4.79 8.39 9.10
C ILE C 154 -5.19 7.03 9.68
N GLN C 155 -5.94 6.24 8.92
CA GLN C 155 -6.35 4.94 9.43
C GLN C 155 -5.20 3.94 9.41
N SER C 156 -4.22 4.14 8.54
CA SER C 156 -3.00 3.33 8.63
C SER C 156 -2.26 3.61 9.92
N LEU C 157 -2.34 4.83 10.46
CA LEU C 157 -1.65 5.15 11.70
C LEU C 157 -2.45 4.80 12.94
N TYR C 158 -3.79 4.87 12.90
CA TYR C 158 -4.61 4.77 14.09
C TYR C 158 -5.79 3.82 14.00
N GLY C 159 -6.21 3.42 12.80
CA GLY C 159 -7.46 2.71 12.64
C GLY C 159 -7.38 1.20 12.61
N GLY D 2 -0.71 -0.21 -20.22
CA GLY D 2 0.21 -0.61 -19.17
C GLY D 2 0.84 0.57 -18.46
N PRO D 3 1.43 0.32 -17.28
CA PRO D 3 2.07 1.42 -16.56
C PRO D 3 3.34 1.96 -17.20
N VAL D 4 4.07 1.17 -18.01
CA VAL D 4 5.35 1.62 -18.53
C VAL D 4 5.52 1.21 -19.98
N TRP D 5 6.32 1.99 -20.71
CA TRP D 5 6.80 1.58 -22.01
C TRP D 5 7.74 0.39 -21.83
N ARG D 6 7.54 -0.66 -22.64
CA ARG D 6 8.34 -1.86 -22.56
C ARG D 6 9.51 -1.85 -23.53
N LYS D 7 10.07 -0.68 -23.78
CA LYS D 7 11.23 -0.52 -24.63
C LYS D 7 11.90 0.76 -24.17
N HIS D 8 13.16 0.92 -24.54
CA HIS D 8 13.91 2.09 -24.11
C HIS D 8 14.20 3.07 -25.23
N TYR D 9 13.84 2.72 -26.48
CA TYR D 9 13.87 3.62 -27.62
C TYR D 9 12.44 4.04 -27.90
N ILE D 10 12.12 5.29 -27.59
CA ILE D 10 10.76 5.82 -27.70
C ILE D 10 10.77 6.99 -28.68
N THR D 11 9.80 7.02 -29.58
CA THR D 11 9.74 8.08 -30.58
C THR D 11 8.62 9.06 -30.26
N TYR D 12 8.82 10.30 -30.71
CA TYR D 12 7.79 11.32 -30.63
C TYR D 12 7.68 12.04 -31.96
N ARG D 13 6.51 12.61 -32.18
CA ARG D 13 6.25 13.36 -33.39
C ARG D 13 5.38 14.54 -33.02
N ILE D 14 5.71 15.71 -33.57
CA ILE D 14 4.93 16.91 -33.32
C ILE D 14 3.82 16.98 -34.38
N ASN D 15 2.60 16.74 -33.94
CA ASN D 15 1.48 16.68 -34.86
C ASN D 15 1.21 18.02 -35.53
N ASN D 16 1.30 19.11 -34.77
CA ASN D 16 1.01 20.45 -35.25
C ASN D 16 1.66 21.44 -34.29
N TYR D 17 1.78 22.69 -34.72
CA TYR D 17 2.49 23.72 -33.96
C TYR D 17 1.55 24.82 -33.49
N THR D 18 1.70 25.23 -32.24
CA THR D 18 0.96 26.40 -31.77
C THR D 18 1.43 27.64 -32.51
N PRO D 19 0.51 28.50 -32.96
CA PRO D 19 0.92 29.79 -33.52
C PRO D 19 1.48 30.75 -32.48
N ASP D 20 1.45 30.39 -31.19
CA ASP D 20 1.92 31.30 -30.15
C ASP D 20 3.43 31.50 -30.19
N MET D 21 4.18 30.52 -30.68
CA MET D 21 5.63 30.49 -30.56
C MET D 21 6.28 30.25 -31.92
N ASN D 22 7.54 30.68 -32.04
CA ASN D 22 8.37 30.26 -33.15
C ASN D 22 8.48 28.74 -33.17
N ARG D 23 8.42 28.16 -34.37
CA ARG D 23 8.51 26.70 -34.48
C ARG D 23 9.80 26.17 -33.88
N GLU D 24 10.91 26.89 -34.09
CA GLU D 24 12.19 26.46 -33.53
C GLU D 24 12.14 26.38 -32.02
N ASP D 25 11.43 27.33 -31.40
CA ASP D 25 11.30 27.34 -29.95
C ASP D 25 10.40 26.22 -29.45
N VAL D 26 9.36 25.86 -30.21
CA VAL D 26 8.55 24.70 -29.89
C VAL D 26 9.40 23.44 -29.94
N ASP D 27 10.12 23.24 -31.05
CA ASP D 27 10.97 22.05 -31.18
C ASP D 27 11.96 21.99 -30.04
N TYR D 28 12.55 23.13 -29.68
CA TYR D 28 13.59 23.15 -28.66
C TYR D 28 13.02 22.85 -27.28
N ALA D 29 11.85 23.41 -26.96
CA ALA D 29 11.26 23.16 -25.64
C ALA D 29 10.90 21.69 -25.48
N ILE D 30 10.35 21.07 -26.54
CA ILE D 30 9.95 19.67 -26.49
C ILE D 30 11.19 18.77 -26.39
N ARG D 31 12.21 19.06 -27.21
CA ARG D 31 13.41 18.26 -27.16
C ARG D 31 14.08 18.35 -25.80
N LYS D 32 14.18 19.55 -25.25
CA LYS D 32 14.77 19.73 -23.93
C LYS D 32 13.94 19.03 -22.86
N ALA D 33 12.61 19.03 -23.00
CA ALA D 33 11.77 18.34 -22.01
C ALA D 33 12.02 16.84 -22.01
N PHE D 34 12.18 16.25 -23.19
CA PHE D 34 12.53 14.83 -23.25
C PHE D 34 13.91 14.56 -22.67
N GLN D 35 14.86 15.47 -22.91
CA GLN D 35 16.20 15.33 -22.34
C GLN D 35 16.15 15.24 -20.82
N VAL D 36 15.26 16.01 -20.18
CA VAL D 36 15.13 15.98 -18.72
C VAL D 36 14.95 14.55 -18.24
N TRP D 37 14.09 13.79 -18.91
CA TRP D 37 13.78 12.44 -18.46
C TRP D 37 14.81 11.43 -18.94
N SER D 38 15.34 11.60 -20.16
CA SER D 38 16.38 10.67 -20.60
C SER D 38 17.64 10.82 -19.78
N ASN D 39 17.87 11.99 -19.19
CA ASN D 39 19.06 12.19 -18.38
C ASN D 39 19.06 11.41 -17.08
N VAL D 40 17.92 10.85 -16.66
CA VAL D 40 17.85 10.13 -15.38
C VAL D 40 17.29 8.73 -15.56
N THR D 41 17.18 8.27 -16.81
CA THR D 41 16.68 6.93 -17.14
C THR D 41 17.50 6.32 -18.28
N PRO D 42 17.31 5.04 -18.60
CA PRO D 42 17.87 4.48 -19.83
C PRO D 42 17.05 4.77 -21.08
N LEU D 43 16.02 5.61 -20.99
CA LEU D 43 15.18 5.88 -22.15
C LEU D 43 15.90 6.80 -23.12
N LYS D 44 15.70 6.54 -24.42
CA LYS D 44 16.25 7.34 -25.49
C LYS D 44 15.09 7.80 -26.37
N PHE D 45 15.00 9.10 -26.60
CA PHE D 45 13.89 9.68 -27.35
C PHE D 45 14.38 10.19 -28.70
N SER D 46 13.61 9.91 -29.75
N SER D 46 13.62 9.91 -29.75
CA SER D 46 13.94 10.34 -31.09
CA SER D 46 13.97 10.37 -31.09
C SER D 46 12.73 11.02 -31.70
C SER D 46 12.75 11.00 -31.73
N LYS D 47 12.95 12.18 -32.32
CA LYS D 47 11.89 12.86 -33.05
C LYS D 47 11.80 12.25 -34.44
N ILE D 48 10.61 11.87 -34.83
CA ILE D 48 10.39 11.35 -36.18
C ILE D 48 9.43 12.26 -36.92
N ASN D 49 9.57 12.29 -38.24
CA ASN D 49 8.83 13.20 -39.09
C ASN D 49 7.90 12.49 -40.05
N THR D 50 7.81 11.17 -39.95
CA THR D 50 6.87 10.41 -40.76
C THR D 50 6.60 9.11 -40.01
N GLY D 51 5.46 8.50 -40.31
CA GLY D 51 5.08 7.27 -39.66
C GLY D 51 4.48 7.52 -38.28
N MET D 52 4.10 6.41 -37.63
N MET D 52 4.10 6.43 -37.62
CA MET D 52 3.46 6.48 -36.33
CA MET D 52 3.43 6.53 -36.32
C MET D 52 4.53 6.57 -35.23
C MET D 52 4.46 6.54 -35.21
N ALA D 53 4.43 7.60 -34.40
CA ALA D 53 5.31 7.73 -33.24
C ALA D 53 4.64 7.15 -32.01
N ASP D 54 5.45 6.85 -30.99
CA ASP D 54 4.91 6.45 -29.71
C ASP D 54 4.17 7.60 -29.05
N ILE D 55 4.81 8.76 -28.95
CA ILE D 55 4.23 9.91 -28.25
C ILE D 55 3.92 10.97 -29.31
N LEU D 56 2.63 11.17 -29.56
CA LEU D 56 2.17 12.24 -30.45
C LEU D 56 1.93 13.51 -29.63
N VAL D 57 2.57 14.60 -30.03
CA VAL D 57 2.47 15.91 -29.38
C VAL D 57 1.47 16.73 -30.18
N VAL D 58 0.39 17.19 -29.51
CA VAL D 58 -0.70 17.89 -30.18
C VAL D 58 -0.99 19.20 -29.46
N PHE D 59 -1.26 20.26 -30.23
CA PHE D 59 -1.87 21.47 -29.71
C PHE D 59 -3.30 21.54 -30.19
N ALA D 60 -4.25 21.60 -29.27
CA ALA D 60 -5.65 21.68 -29.64
C ALA D 60 -6.43 22.43 -28.57
N ARG D 61 -7.58 22.95 -28.96
CA ARG D 61 -8.46 23.61 -28.02
C ARG D 61 -9.80 22.88 -27.93
N GLY D 62 -10.47 23.06 -26.80
CA GLY D 62 -11.79 22.48 -26.61
C GLY D 62 -11.80 20.99 -26.86
N ALA D 63 -12.88 20.53 -27.52
CA ALA D 63 -13.01 19.12 -27.87
C ALA D 63 -12.12 18.83 -29.06
N HIS D 64 -11.29 17.78 -28.94
CA HIS D 64 -10.29 17.48 -29.96
C HIS D 64 -10.16 16.00 -30.22
N GLY D 65 -11.26 15.25 -30.03
CA GLY D 65 -11.36 13.89 -30.52
C GLY D 65 -10.77 12.80 -29.66
N ASP D 66 -10.58 13.04 -28.35
CA ASP D 66 -10.12 11.98 -27.45
C ASP D 66 -10.99 11.81 -26.23
N ASP D 67 -12.19 12.41 -26.20
CA ASP D 67 -13.15 12.29 -25.10
C ASP D 67 -12.75 13.05 -23.84
N HIS D 68 -11.73 13.90 -23.91
CA HIS D 68 -11.29 14.70 -22.76
C HIS D 68 -11.11 16.12 -23.26
N ALA D 69 -12.22 16.85 -23.35
CA ALA D 69 -12.18 18.18 -23.94
C ALA D 69 -11.50 19.18 -23.01
N PHE D 70 -10.76 20.12 -23.60
CA PHE D 70 -10.14 21.19 -22.84
C PHE D 70 -11.18 22.24 -22.47
N ASP D 71 -10.74 23.30 -21.78
CA ASP D 71 -11.65 24.17 -21.04
C ASP D 71 -11.37 25.65 -21.26
N GLY D 72 -10.73 26.03 -22.37
CA GLY D 72 -10.42 27.43 -22.59
C GLY D 72 -9.20 27.88 -21.79
N LYS D 73 -8.97 29.18 -21.79
CA LYS D 73 -7.76 29.69 -21.12
C LYS D 73 -7.80 29.39 -19.63
N GLY D 74 -6.65 29.01 -19.09
CA GLY D 74 -6.54 28.64 -17.70
C GLY D 74 -7.05 27.23 -17.44
N GLY D 75 -7.22 26.93 -16.16
CA GLY D 75 -7.72 25.62 -15.78
C GLY D 75 -6.77 24.52 -16.24
N ILE D 76 -7.31 23.54 -16.96
CA ILE D 76 -6.48 22.46 -17.49
C ILE D 76 -5.59 23.04 -18.58
N LEU D 77 -4.27 22.88 -18.43
CA LEU D 77 -3.36 23.46 -19.41
C LEU D 77 -2.96 22.47 -20.49
N ALA D 78 -3.07 21.18 -20.22
CA ALA D 78 -2.55 20.12 -21.06
C ALA D 78 -2.94 18.81 -20.39
N HIS D 79 -2.77 17.70 -21.12
CA HIS D 79 -2.94 16.40 -20.51
C HIS D 79 -2.18 15.38 -21.34
N ALA D 80 -1.93 14.21 -20.73
CA ALA D 80 -1.21 13.16 -21.41
C ALA D 80 -1.74 11.81 -20.96
N PHE D 81 -1.73 10.87 -21.90
CA PHE D 81 -2.16 9.51 -21.65
C PHE D 81 -0.94 8.66 -21.30
N GLY D 82 -1.15 7.72 -20.38
CA GLY D 82 -0.10 6.82 -19.99
C GLY D 82 0.31 5.89 -21.11
N PRO D 83 1.39 5.16 -20.89
CA PRO D 83 1.95 4.29 -21.94
C PRO D 83 0.93 3.30 -22.50
N GLY D 84 0.97 3.15 -23.82
CA GLY D 84 0.07 2.24 -24.49
C GLY D 84 0.04 2.55 -25.97
N SER D 85 -0.58 1.64 -26.72
CA SER D 85 -0.71 1.84 -28.16
C SER D 85 -1.71 2.96 -28.45
N GLY D 86 -1.63 3.46 -29.69
CA GLY D 86 -2.58 4.45 -30.15
C GLY D 86 -2.49 5.74 -29.36
N ILE D 87 -3.61 6.15 -28.77
CA ILE D 87 -3.64 7.37 -27.97
C ILE D 87 -2.70 7.31 -26.78
N GLY D 88 -2.34 6.11 -26.32
CA GLY D 88 -1.38 5.96 -25.24
C GLY D 88 -0.10 6.73 -25.48
N GLY D 89 0.41 7.38 -24.42
CA GLY D 89 1.61 8.20 -24.52
C GLY D 89 1.41 9.60 -25.06
N ASP D 90 0.31 9.87 -25.74
CA ASP D 90 0.16 11.14 -26.43
C ASP D 90 0.00 12.29 -25.45
N ALA D 91 0.59 13.44 -25.79
CA ALA D 91 0.60 14.62 -24.94
C ALA D 91 -0.05 15.77 -25.71
N HIS D 92 -1.09 16.35 -25.12
CA HIS D 92 -1.87 17.39 -25.77
C HIS D 92 -1.77 18.67 -24.95
N PHE D 93 -1.60 19.80 -25.63
CA PHE D 93 -1.45 21.09 -24.98
C PHE D 93 -2.61 21.97 -25.41
N ASP D 94 -3.28 22.60 -24.44
CA ASP D 94 -4.48 23.38 -24.72
C ASP D 94 -4.08 24.64 -25.46
N GLU D 95 -4.54 24.77 -26.72
CA GLU D 95 -4.20 25.95 -27.52
C GLU D 95 -4.81 27.22 -26.95
N ASP D 96 -5.81 27.11 -26.07
CA ASP D 96 -6.33 28.34 -25.49
C ASP D 96 -5.40 28.96 -24.46
N GLU D 97 -4.34 28.26 -24.05
CA GLU D 97 -3.27 28.91 -23.30
C GLU D 97 -2.35 29.63 -24.27
N PHE D 98 -1.58 30.57 -23.74
CA PHE D 98 -0.57 31.27 -24.54
C PHE D 98 0.80 30.69 -24.20
N TRP D 99 1.34 29.88 -25.11
CA TRP D 99 2.58 29.16 -24.84
C TRP D 99 3.76 30.08 -25.11
N THR D 100 4.77 30.02 -24.23
N THR D 100 4.79 30.00 -24.25
CA THR D 100 5.92 30.93 -24.25
CA THR D 100 5.92 30.91 -24.37
C THR D 100 7.21 30.16 -24.02
C THR D 100 7.20 30.24 -23.90
N THR D 101 8.33 30.84 -24.31
CA THR D 101 9.64 30.28 -24.02
C THR D 101 10.09 30.53 -22.59
N HIS D 102 9.61 31.60 -21.96
CA HIS D 102 9.91 31.88 -20.56
C HIS D 102 8.59 32.05 -19.81
N SER D 103 8.35 33.20 -19.16
CA SER D 103 7.22 33.32 -18.23
C SER D 103 6.07 34.20 -18.74
N GLY D 104 6.10 34.69 -19.97
CA GLY D 104 5.04 35.59 -20.39
C GLY D 104 3.78 34.89 -20.86
N GLY D 105 3.29 33.94 -20.08
CA GLY D 105 2.22 33.04 -20.49
C GLY D 105 2.37 31.71 -19.75
N THR D 106 2.08 30.61 -20.45
CA THR D 106 2.30 29.28 -19.88
C THR D 106 3.56 28.71 -20.53
N ASN D 107 4.55 28.36 -19.71
CA ASN D 107 5.83 27.95 -20.28
C ASN D 107 5.71 26.55 -20.86
N LEU D 108 6.04 26.43 -22.15
CA LEU D 108 5.85 25.14 -22.83
C LEU D 108 6.84 24.10 -22.33
N PHE D 109 8.12 24.46 -22.16
CA PHE D 109 9.10 23.53 -21.63
C PHE D 109 8.64 22.89 -20.31
N LEU D 110 8.30 23.71 -19.31
CA LEU D 110 7.94 23.16 -18.00
C LEU D 110 6.69 22.30 -18.09
N THR D 111 5.71 22.75 -18.87
CA THR D 111 4.49 21.95 -19.01
C THR D 111 4.79 20.62 -19.71
N ALA D 112 5.66 20.65 -20.73
CA ALA D 112 6.01 19.43 -21.44
C ALA D 112 6.75 18.45 -20.54
N VAL D 113 7.62 18.93 -19.63
CA VAL D 113 8.28 17.99 -18.72
C VAL D 113 7.23 17.27 -17.89
N HIS D 114 6.30 18.01 -17.31
CA HIS D 114 5.20 17.44 -16.54
C HIS D 114 4.41 16.45 -17.38
N GLU D 115 3.98 16.85 -18.58
CA GLU D 115 3.11 15.98 -19.36
C GLU D 115 3.85 14.75 -19.87
N ILE D 116 5.10 14.91 -20.27
CA ILE D 116 5.88 13.73 -20.68
C ILE D 116 6.03 12.78 -19.49
N GLY D 117 6.16 13.31 -18.28
CA GLY D 117 6.15 12.44 -17.12
C GLY D 117 4.92 11.56 -17.09
N HIS D 118 3.75 12.15 -17.34
CA HIS D 118 2.53 11.33 -17.46
C HIS D 118 2.62 10.36 -18.62
N SER D 119 3.14 10.82 -19.78
CA SER D 119 3.30 9.96 -20.94
C SER D 119 4.15 8.74 -20.62
N LEU D 120 5.08 8.87 -19.67
CA LEU D 120 5.96 7.76 -19.30
C LEU D 120 5.38 6.91 -18.19
N GLY D 121 4.23 7.30 -17.61
CA GLY D 121 3.57 6.52 -16.58
C GLY D 121 3.56 7.12 -15.20
N LEU D 122 4.08 8.34 -15.00
CA LEU D 122 4.08 8.92 -13.67
C LEU D 122 2.73 9.53 -13.32
N GLY D 123 2.40 9.45 -12.03
CA GLY D 123 1.33 10.22 -11.46
C GLY D 123 1.85 11.50 -10.83
N HIS D 124 1.09 12.02 -9.88
CA HIS D 124 1.48 13.29 -9.28
C HIS D 124 2.28 13.08 -7.99
N SER D 125 3.01 14.12 -7.63
CA SER D 125 3.88 14.16 -6.47
C SER D 125 3.26 15.03 -5.38
N SER D 126 3.59 14.69 -4.13
CA SER D 126 3.21 15.49 -2.97
C SER D 126 4.26 16.54 -2.63
N ASP D 127 5.37 16.59 -3.37
CA ASP D 127 6.39 17.61 -3.16
C ASP D 127 6.06 18.84 -3.98
N PRO D 128 5.82 20.00 -3.36
CA PRO D 128 5.52 21.21 -4.15
C PRO D 128 6.60 21.60 -5.12
N LYS D 129 7.85 21.20 -4.92
CA LYS D 129 8.90 21.53 -5.86
C LYS D 129 9.15 20.45 -6.91
N ALA D 130 8.38 19.37 -6.89
CA ALA D 130 8.47 18.37 -7.94
C ALA D 130 7.84 18.87 -9.23
N VAL D 131 8.42 18.45 -10.37
CA VAL D 131 7.82 18.82 -11.65
C VAL D 131 6.49 18.09 -11.85
N MET D 132 6.27 16.98 -11.14
CA MET D 132 5.00 16.26 -11.21
C MET D 132 4.02 16.69 -10.12
N PHE D 133 4.29 17.80 -9.44
CA PHE D 133 3.28 18.37 -8.56
C PHE D 133 2.06 18.75 -9.40
N PRO D 134 0.84 18.65 -8.84
CA PRO D 134 -0.35 18.88 -9.68
C PRO D 134 -0.54 20.30 -10.17
N THR D 135 0.05 21.30 -9.50
CA THR D 135 -0.24 22.70 -9.79
C THR D 135 0.91 23.32 -10.59
N TYR D 136 0.57 23.88 -11.76
CA TYR D 136 1.56 24.60 -12.54
C TYR D 136 1.99 25.88 -11.82
N ALA D 137 3.29 26.15 -11.84
CA ALA D 137 3.83 27.45 -11.51
C ALA D 137 5.13 27.59 -12.26
N TYR D 138 5.42 28.80 -12.73
CA TYR D 138 6.71 29.04 -13.35
C TYR D 138 7.81 28.89 -12.30
N VAL D 139 8.90 28.25 -12.70
CA VAL D 139 10.12 28.18 -11.90
C VAL D 139 11.27 28.63 -12.79
N ASP D 140 12.38 28.98 -12.14
CA ASP D 140 13.56 29.40 -12.88
C ASP D 140 14.08 28.24 -13.73
N ILE D 141 14.02 28.39 -15.06
CA ILE D 141 14.48 27.32 -15.93
C ILE D 141 16.00 27.18 -15.85
N ASN D 142 16.70 28.26 -15.49
CA ASN D 142 18.15 28.20 -15.36
C ASN D 142 18.56 27.23 -14.26
N THR D 143 17.77 27.14 -13.20
CA THR D 143 18.07 26.22 -12.11
C THR D 143 17.17 25.00 -12.12
N PHE D 144 16.42 24.77 -13.20
CA PHE D 144 15.46 23.68 -13.20
C PHE D 144 16.15 22.35 -12.92
N ARG D 145 15.55 21.58 -12.02
CA ARG D 145 16.08 20.26 -11.69
C ARG D 145 14.92 19.42 -11.20
N LEU D 146 14.85 18.18 -11.67
CA LEU D 146 13.89 17.23 -11.10
C LEU D 146 14.09 17.13 -9.61
N SER D 147 13.00 16.96 -8.87
CA SER D 147 13.15 16.74 -7.44
C SER D 147 13.53 15.29 -7.16
N ALA D 148 13.95 15.03 -5.91
CA ALA D 148 14.23 13.67 -5.51
C ALA D 148 13.03 12.77 -5.72
N ASP D 149 11.82 13.29 -5.50
CA ASP D 149 10.62 12.50 -5.68
C ASP D 149 10.37 12.19 -7.15
N ASP D 150 10.62 13.15 -8.04
CA ASP D 150 10.50 12.89 -9.48
C ASP D 150 11.47 11.80 -9.90
N ILE D 151 12.72 11.91 -9.46
CA ILE D 151 13.73 10.93 -9.85
C ILE D 151 13.38 9.55 -9.31
N ARG D 152 12.99 9.48 -8.04
CA ARG D 152 12.55 8.22 -7.44
C ARG D 152 11.40 7.60 -8.23
N GLY D 153 10.41 8.42 -8.59
CA GLY D 153 9.28 7.89 -9.34
C GLY D 153 9.68 7.35 -10.70
N ILE D 154 10.43 8.14 -11.48
CA ILE D 154 10.76 7.69 -12.83
C ILE D 154 11.71 6.50 -12.79
N GLN D 155 12.65 6.47 -11.85
CA GLN D 155 13.56 5.34 -11.78
C GLN D 155 12.91 4.09 -11.21
N SER D 156 11.78 4.24 -10.51
CA SER D 156 11.03 3.06 -10.07
C SER D 156 10.32 2.39 -11.23
N LEU D 157 10.17 3.09 -12.35
CA LEU D 157 9.52 2.57 -13.54
C LEU D 157 10.51 2.11 -14.59
N TYR D 158 11.66 2.78 -14.72
CA TYR D 158 12.62 2.54 -15.78
C TYR D 158 14.01 2.43 -15.20
N GLY D 159 14.72 1.35 -15.54
CA GLY D 159 16.05 1.12 -15.02
C GLY D 159 16.69 -0.10 -15.66
ZN ZN E . 1.00 -17.85 14.44
ZN ZN F . 5.91 -11.29 24.48
CA CA G . 2.27 -19.72 31.68
CA CA H . -3.77 -0.43 21.03
CA CA I . 2.87 -5.05 15.53
C4 B9Z J . -6.69 -16.03 11.19
C5 B9Z J . -6.75 -15.22 12.32
C6 B9Z J . -5.60 -14.70 12.90
C8 B9Z J . -3.17 -13.74 14.13
C10 B9Z J . -0.80 -13.50 14.16
C20 B9Z J . 4.15 -13.51 13.09
C21 B9Z J . 3.13 -13.57 14.02
C22 B9Z J . 3.24 -14.47 15.28
C1 B9Z J . -4.37 -15.02 12.34
C12 B9Z J . -1.85 -14.74 12.39
C19 B9Z J . 4.03 -12.70 11.97
C23 B9Z J . 2.25 -15.63 15.25
C3 B9Z J . -5.46 -16.33 10.65
C2 B9Z J . -4.31 -15.84 11.22
C11 B9Z J . -0.70 -14.24 12.99
C15 B9Z J . -9.05 -15.93 10.94
C16 B9Z J . 2.00 -12.79 13.82
C17 B9Z J . 1.88 -11.98 12.69
C18 B9Z J . 2.90 -11.93 11.76
C26 B9Z J . 4.65 -15.05 15.45
C27 B9Z J . 5.65 -14.00 15.91
C28 B9Z J . 7.06 -14.58 16.07
C7 B9Z J . -3.09 -14.48 12.97
C9 B9Z J . -2.02 -13.24 14.72
O14 B9Z J . -7.83 -16.56 10.59
O24 B9Z J . 1.61 -15.95 16.30
O25 B9Z J . 2.10 -16.28 14.20
O29 B9Z J . 7.95 -13.92 16.67
O30 B9Z J . 7.32 -15.71 15.59
S13 B9Z J . 0.65 -12.82 15.01
C1 DIO K . 8.22 -16.59 19.23
C2 DIO K . 7.69 -15.60 21.18
C1' DIO K . 7.11 -17.58 19.43
C2' DIO K . 6.59 -16.59 21.41
O1 DIO K . 7.86 -15.38 19.82
O1' DIO K . 6.89 -17.79 20.77
ZN ZN L . -0.96 -22.20 -5.32
ZN ZN M . -7.10 -22.90 -16.69
CA CA N . -0.16 -31.36 -20.05
CA CA O . -3.15 -8.72 -18.97
CA CA P . -7.83 -13.04 -11.49
C4 B9Z Q . 5.10 -16.38 -3.85
C5 B9Z Q . 4.95 -16.11 -5.20
C6 B9Z Q . 3.73 -16.38 -5.84
C8 B9Z Q . 1.22 -17.04 -7.13
C10 B9Z Q . -1.07 -17.77 -7.03
C20 B9Z Q . -5.65 -19.29 -5.52
C21 B9Z Q . -4.64 -19.32 -6.46
C22 B9Z Q . -4.27 -20.62 -7.22
C1 B9Z Q . 2.67 -16.91 -5.11
C12 B9Z Q . 0.26 -17.68 -5.03
C19 B9Z Q . -5.95 -18.11 -4.86
C23 B9Z Q . -2.91 -21.19 -6.77
C3 B9Z Q . 4.04 -16.89 -3.14
C2 B9Z Q . 2.84 -17.17 -3.76
C11 B9Z Q . -0.95 -17.96 -5.66
C15 B9Z Q . 7.23 -15.30 -3.86
C16 B9Z Q . -3.95 -18.15 -6.72
C17 B9Z Q . -4.23 -16.97 -6.06
C18 B9Z Q . -5.25 -16.95 -5.12
C26 B9Z Q . -5.29 -21.73 -7.03
C27 B9Z Q . -6.60 -21.48 -7.78
C28 B9Z Q . -7.63 -22.57 -7.50
C7 B9Z Q . 1.34 -17.21 -5.77
C9 B9Z Q . 0.01 -17.30 -7.76
O14 B9Z Q . 6.31 -16.12 -3.18
O24 B9Z Q . -2.11 -21.58 -7.66
O25 B9Z Q . -2.60 -21.27 -5.57
O29 B9Z Q . -8.63 -22.70 -8.26
O30 B9Z Q . -7.50 -23.34 -6.51
S13 B9Z Q . -2.61 -18.13 -7.92
C1 DIO R . -6.06 -27.25 -10.55
C2 DIO R . -7.19 -25.41 -11.38
C1' DIO R . -6.31 -26.65 -9.20
C2' DIO R . -8.17 -25.83 -10.33
O1 DIO R . -6.13 -26.29 -11.55
O1' DIO R . -7.57 -26.05 -9.10
ZN ZN S . 1.61 20.55 5.65
ZN ZN T . 6.52 27.13 15.69
CA CA U . 3.05 18.74 22.88
CA CA V . -3.20 37.94 12.17
CA CA W . 3.57 33.34 6.81
C1 EDO X . -25.14 19.64 3.00
O1 EDO X . -25.53 20.86 2.36
C2 EDO X . -23.64 19.40 2.83
O2 EDO X . -23.31 19.25 1.44
C4 B9Z Y . -6.05 22.36 2.48
C5 B9Z Y . -6.11 23.14 3.62
C6 B9Z Y . -4.96 23.66 4.18
C8 B9Z Y . -2.52 24.67 5.38
C10 B9Z Y . -0.15 24.91 5.37
C20 B9Z Y . 4.82 24.85 4.32
C21 B9Z Y . 3.79 24.80 5.25
C22 B9Z Y . 3.87 23.92 6.51
C1 B9Z Y . -3.73 23.40 3.59
C12 B9Z Y . -1.22 23.69 3.60
C19 B9Z Y . 4.71 25.66 3.20
C23 B9Z Y . 2.89 22.77 6.44
C3 B9Z Y . -4.82 22.08 1.90
C2 B9Z Y . -3.66 22.59 2.45
C11 B9Z Y . -0.06 24.20 4.18
C15 B9Z Y . -8.44 22.31 2.36
C16 B9Z Y . 2.67 25.59 5.04
C17 B9Z Y . 2.55 26.40 3.92
C18 B9Z Y . 3.58 26.44 2.99
C26 B9Z Y . 5.28 23.33 6.71
C27 B9Z Y . 6.30 24.36 7.20
C28 B9Z Y . 7.68 23.75 7.38
C7 B9Z Y . -2.45 23.94 4.20
C9 B9Z Y . -1.37 25.15 5.96
O14 B9Z Y . -7.20 21.82 1.91
O24 B9Z Y . 2.22 22.46 7.47
O25 B9Z Y . 2.78 22.11 5.39
O29 B9Z Y . 8.58 24.41 7.98
O30 B9Z Y . 7.94 22.62 6.91
S13 B9Z Y . 1.31 25.58 6.21
C1 DIO Z . 8.85 21.75 10.45
C2 DIO Z . 8.25 22.85 12.37
C1' DIO Z . 7.84 20.69 10.77
C2' DIO Z . 7.28 21.74 12.67
O1 DIO Z . 8.45 22.96 11.01
O1' DIO Z . 7.76 20.55 12.14
ZN ZN AA . -0.40 16.25 -14.15
ZN ZN BA . -6.44 15.44 -25.53
CA CA CA . 0.72 7.07 -28.83
CA CA DA . -2.52 29.63 -27.91
CA CA EA . -7.24 25.41 -20.42
C4 B9Z FA . 5.61 22.17 -12.64
C5 B9Z FA . 5.46 22.42 -13.99
C6 B9Z FA . 4.25 22.13 -14.62
C8 B9Z FA . 1.77 21.45 -15.93
C10 B9Z FA . -0.50 20.69 -15.86
C20 B9Z FA . -5.13 19.13 -14.43
C21 B9Z FA . -4.09 19.11 -15.35
C22 B9Z FA . -3.70 17.83 -16.09
C1 B9Z FA . 3.20 21.60 -13.89
C12 B9Z FA . 0.79 20.78 -13.85
C19 B9Z FA . -5.48 20.30 -13.78
C23 B9Z FA . -2.36 17.26 -15.62
C3 B9Z FA . 4.55 21.63 -11.92
C2 B9Z FA . 3.35 21.35 -12.53
C11 B9Z FA . -0.41 20.49 -14.49
C15 B9Z FA . 7.77 23.21 -12.62
C16 B9Z FA . -3.39 20.29 -15.59
C17 B9Z FA . -3.72 21.47 -14.94
C18 B9Z FA . -4.76 21.46 -14.02
C26 B9Z FA . -4.71 16.69 -15.92
C27 B9Z FA . -6.01 16.91 -16.71
C28 B9Z FA . -7.08 15.89 -16.36
C7 B9Z FA . 1.87 21.27 -14.57
C9 B9Z FA . 0.58 21.17 -16.57
O14 B9Z FA . 6.81 22.43 -11.95
O24 B9Z FA . -1.55 16.88 -16.50
O25 B9Z FA . -2.07 17.16 -14.40
O29 B9Z FA . -8.08 15.76 -17.11
O30 B9Z FA . -6.95 15.18 -15.32
S13 B9Z FA . -2.02 20.32 -16.78
C1 DIO GA . -11.26 16.86 -16.22
C2 DIO GA . -11.20 16.29 -13.97
C1' DIO GA . -11.11 15.40 -16.52
C2' DIO GA . -10.92 14.87 -14.36
O1 DIO GA . -10.84 17.20 -14.94
O1' DIO GA . -10.28 14.81 -15.58
C1 DIO HA . -5.45 12.17 -20.34
C2 DIO HA . -7.17 13.29 -19.37
C1' DIO HA . -5.48 11.18 -19.22
C2' DIO HA . -7.19 12.30 -18.26
O1 DIO HA . -6.72 12.69 -20.54
O1' DIO HA . -5.91 11.79 -18.06
#